data_4P22
#
_entry.id   4P22
#
_cell.length_a   94.126
_cell.length_b   186.812
_cell.length_c   135.222
_cell.angle_alpha   90.00
_cell.angle_beta   90.00
_cell.angle_gamma   90.00
#
_symmetry.space_group_name_H-M   'C 2 2 21'
#
loop_
_entity.id
_entity.type
_entity.pdbx_description
1 polymer 'Ubiquitin-like modifier-activating enzyme 1'
2 water water
#
_entity_poly.entity_id   1
_entity_poly.type   'polypeptide(L)'
_entity_poly.pdbx_seq_one_letter_code
;GPHMADLMSSSPLSKKRRVSGPDPKPGSNCSPAQSVLSEVPSVPTNGMAKNGSEADIDEGLYSRQLYVLGHEAMKRLQTS
SVLVSGLRGLGVEIAKNIILGGVKAVTLHDQGTAQWADLSSQFYLREEDIGKNRAEVSQPRLAELNSYVPVTAYTGPLVE
DFLSGFQVVVLTNTPLEDQLRVGEFCHNRGIKLVVADTRGLFGQLFCDFGEEMILTDSNGEQPLSAMVSMVTKDNPGVVT
CLDEARHGFESGDFVSFSEVQGMVELNGNQPMEIKVLGPYTFSICDTSNFSDYIRGGIVSQVKVPKKISFKSLVASLAEP
DFVVTDFAKFSRPAQLHIGFQALHQFCAQHGRPPRPRNDEDAAELVALAQAVNARALPAVQQNNLDEDLIRKLAYVAAGD
LAPINAFIGGLAAQEVMKACSGKFMPIMQWLYFDALECLPEDKEVL
;
_entity_poly.pdbx_strand_id   A,B
#
# COMPACT_ATOMS: atom_id res chain seq x y z
N ILE A 57 -1.14 14.92 -26.00
CA ILE A 57 -0.49 14.66 -27.28
C ILE A 57 -0.98 13.35 -27.89
N ASP A 58 -1.19 13.38 -29.21
CA ASP A 58 -1.64 12.20 -29.94
C ASP A 58 -0.60 11.08 -29.85
N GLU A 59 0.67 11.46 -29.92
CA GLU A 59 1.75 10.49 -29.86
C GLU A 59 1.74 9.77 -28.52
N GLY A 60 1.48 10.50 -27.46
CA GLY A 60 1.39 9.91 -26.14
C GLY A 60 0.21 8.96 -26.08
N LEU A 61 0.49 7.68 -25.87
CA LEU A 61 -0.56 6.66 -25.88
C LEU A 61 -1.01 6.33 -24.44
N TYR A 62 -2.06 5.53 -24.30
CA TYR A 62 -2.71 5.33 -23.00
C TYR A 62 -1.79 4.82 -21.88
N SER A 63 -1.06 3.74 -22.14
CA SER A 63 -0.14 3.17 -21.16
C SER A 63 0.98 4.19 -20.88
N ARG A 64 1.45 4.82 -21.95
CA ARG A 64 2.53 5.79 -21.87
C ARG A 64 2.16 7.06 -21.04
N GLN A 65 0.91 7.52 -21.13
CA GLN A 65 0.42 8.63 -20.31
C GLN A 65 0.22 8.20 -18.85
N LEU A 66 -0.11 6.93 -18.64
CA LEU A 66 -0.24 6.37 -17.28
C LEU A 66 1.07 6.56 -16.52
N TYR A 67 2.19 6.35 -17.21
CA TYR A 67 3.52 6.60 -16.65
C TYR A 67 3.89 8.03 -16.37
N VAL A 68 3.72 8.83 -17.40
CA VAL A 68 4.10 10.22 -17.34
C VAL A 68 3.37 10.86 -16.13
N LEU A 69 2.11 10.47 -15.93
CA LEU A 69 1.32 10.94 -14.80
C LEU A 69 1.92 10.45 -13.49
N GLY A 70 2.23 9.16 -13.43
CA GLY A 70 2.79 8.53 -12.24
C GLY A 70 4.29 8.82 -12.15
N HIS A 71 4.70 10.02 -12.54
CA HIS A 71 6.00 10.63 -12.24
C HIS A 71 7.15 10.19 -13.14
N GLU A 72 6.85 9.32 -14.10
CA GLU A 72 7.84 8.92 -15.09
C GLU A 72 8.07 10.12 -16.01
N ALA A 73 9.23 10.19 -16.66
CA ALA A 73 9.48 11.32 -17.54
C ALA A 73 9.25 12.63 -16.80
N MET A 74 9.94 12.78 -15.68
CA MET A 74 9.74 13.89 -14.75
C MET A 74 9.91 15.26 -15.40
N LYS A 75 10.84 15.39 -16.33
CA LYS A 75 11.07 16.69 -16.96
C LYS A 75 10.03 16.92 -18.06
N ARG A 76 8.81 17.15 -17.61
CA ARG A 76 7.65 17.43 -18.47
C ARG A 76 6.90 18.57 -17.81
N LEU A 77 6.08 19.31 -18.57
CA LEU A 77 5.41 20.44 -17.98
C LEU A 77 4.61 19.96 -16.78
N GLN A 78 4.93 20.52 -15.62
CA GLN A 78 4.23 20.19 -14.39
C GLN A 78 3.39 21.39 -13.99
N THR A 79 2.09 21.20 -13.80
CA THR A 79 1.18 22.34 -13.73
C THR A 79 0.60 22.59 -12.34
N SER A 80 0.60 21.55 -11.51
CA SER A 80 -0.08 21.63 -10.24
C SER A 80 0.84 21.77 -9.04
N SER A 81 0.60 22.81 -8.25
CA SER A 81 1.31 23.02 -7.00
C SER A 81 0.54 22.38 -5.85
N VAL A 82 1.27 21.90 -4.85
CA VAL A 82 0.66 21.08 -3.81
C VAL A 82 1.01 21.58 -2.41
N LEU A 83 0.00 21.69 -1.57
CA LEU A 83 0.21 21.97 -0.16
C LEU A 83 0.14 20.64 0.58
N VAL A 84 1.20 20.28 1.29
CA VAL A 84 1.16 19.09 2.13
C VAL A 84 1.15 19.56 3.55
N SER A 85 0.03 19.36 4.24
CA SER A 85 -0.10 19.86 5.62
C SER A 85 0.06 18.78 6.69
N GLY A 86 0.80 19.07 7.74
CA GLY A 86 1.13 18.06 8.72
C GLY A 86 2.39 17.30 8.36
N LEU A 87 3.47 17.58 9.09
CA LEU A 87 4.73 16.92 8.82
C LEU A 87 5.22 15.94 9.91
N ARG A 88 4.31 15.06 10.35
CA ARG A 88 4.69 13.89 11.11
C ARG A 88 5.05 12.81 10.10
N GLY A 89 5.15 11.57 10.52
CA GLY A 89 5.49 10.50 9.60
C GLY A 89 4.69 10.52 8.30
N LEU A 90 3.37 10.52 8.42
CA LEU A 90 2.51 10.36 7.25
C LEU A 90 2.78 11.41 6.18
N GLY A 91 2.87 12.68 6.58
CA GLY A 91 3.03 13.76 5.64
C GLY A 91 4.41 13.84 4.98
N VAL A 92 5.45 13.47 5.73
CA VAL A 92 6.81 13.45 5.18
C VAL A 92 6.99 12.29 4.20
N GLU A 93 6.27 11.20 4.43
CA GLU A 93 6.23 10.12 3.46
C GLU A 93 5.55 10.63 2.20
N ILE A 94 4.44 11.36 2.36
CA ILE A 94 3.67 11.81 1.21
C ILE A 94 4.48 12.86 0.44
N ALA A 95 5.07 13.79 1.17
CA ALA A 95 5.85 14.84 0.54
C ALA A 95 7.07 14.25 -0.16
N LYS A 96 7.77 13.32 0.47
CA LYS A 96 8.91 12.69 -0.17
C LYS A 96 8.54 12.04 -1.51
N ASN A 97 7.47 11.25 -1.52
CA ASN A 97 6.99 10.56 -2.72
C ASN A 97 6.59 11.50 -3.83
N ILE A 98 6.06 12.64 -3.42
CA ILE A 98 5.45 13.62 -4.29
C ILE A 98 6.54 14.47 -4.96
N ILE A 99 7.65 14.68 -4.24
CA ILE A 99 8.76 15.45 -4.76
C ILE A 99 9.59 14.59 -5.70
N LEU A 100 9.74 13.30 -5.37
CA LEU A 100 10.42 12.36 -6.24
C LEU A 100 9.61 12.16 -7.49
N GLY A 101 8.31 12.33 -7.32
CA GLY A 101 7.38 12.26 -8.41
C GLY A 101 7.44 13.46 -9.35
N GLY A 102 8.04 14.55 -8.87
CA GLY A 102 8.21 15.74 -9.69
C GLY A 102 6.97 16.57 -10.00
N VAL A 103 6.17 16.91 -9.00
CA VAL A 103 5.07 17.84 -9.20
C VAL A 103 5.63 19.25 -9.21
N LYS A 104 4.88 20.21 -9.76
CA LYS A 104 5.43 21.53 -10.08
C LYS A 104 6.19 22.15 -8.91
N ALA A 105 5.51 22.28 -7.77
CA ALA A 105 6.11 22.79 -6.55
C ALA A 105 5.37 22.19 -5.36
N VAL A 106 5.99 22.26 -4.18
CA VAL A 106 5.44 21.68 -2.97
C VAL A 106 5.73 22.60 -1.81
N THR A 107 4.67 22.93 -1.06
CA THR A 107 4.79 23.69 0.18
C THR A 107 4.41 22.78 1.37
N LEU A 108 5.19 22.88 2.43
CA LEU A 108 5.03 22.05 3.59
C LEU A 108 4.49 22.93 4.69
N HIS A 109 3.27 22.64 5.14
CA HIS A 109 2.68 23.45 6.22
C HIS A 109 2.66 22.71 7.55
N ASP A 110 3.14 23.38 8.59
CA ASP A 110 2.97 22.88 9.94
C ASP A 110 3.15 23.97 10.97
N GLN A 111 2.27 23.99 11.96
CA GLN A 111 2.37 24.94 13.06
C GLN A 111 2.84 24.22 14.35
N GLY A 112 2.97 22.91 14.29
CA GLY A 112 3.45 22.16 15.43
C GLY A 112 4.95 21.99 15.46
N THR A 113 5.50 21.80 16.66
CA THR A 113 6.93 21.58 16.78
C THR A 113 7.21 20.09 16.87
N ALA A 114 8.45 19.72 16.61
CA ALA A 114 8.84 18.31 16.69
C ALA A 114 8.84 17.83 18.13
N GLN A 115 8.18 16.70 18.36
CA GLN A 115 8.02 16.09 19.68
C GLN A 115 8.66 14.71 19.68
N TRP A 116 8.94 14.19 20.88
CA TRP A 116 9.48 12.83 21.02
C TRP A 116 8.60 11.77 20.34
N ALA A 117 7.28 11.90 20.50
CA ALA A 117 6.32 11.02 19.85
C ALA A 117 6.39 11.03 18.32
N ASP A 118 7.01 12.08 17.76
CA ASP A 118 7.12 12.25 16.31
C ASP A 118 8.38 11.61 15.75
N LEU A 119 9.39 11.42 16.60
CA LEU A 119 10.71 10.99 16.14
C LEU A 119 10.76 9.61 15.52
N SER A 120 9.92 8.71 16.04
CA SER A 120 9.98 7.31 15.65
C SER A 120 9.74 7.10 14.17
N SER A 121 8.81 7.87 13.61
CA SER A 121 8.35 7.62 12.25
C SER A 121 8.74 8.67 11.21
N GLN A 122 9.29 9.78 11.69
CA GLN A 122 9.70 10.87 10.82
C GLN A 122 11.18 10.75 10.49
N PHE A 123 11.51 10.26 9.30
CA PHE A 123 12.91 10.02 8.94
C PHE A 123 13.83 11.25 8.73
N TYR A 124 13.28 12.46 8.91
CA TYR A 124 14.07 13.69 8.77
C TYR A 124 14.14 14.49 10.04
N LEU A 125 13.61 13.94 11.11
CA LEU A 125 13.68 14.57 12.41
C LEU A 125 14.73 13.84 13.25
N ARG A 126 15.45 14.56 14.11
CA ARG A 126 16.35 13.91 15.06
C ARG A 126 16.11 14.38 16.49
N GLU A 127 17.04 14.06 17.37
CA GLU A 127 16.97 14.53 18.75
C GLU A 127 17.25 16.03 18.79
N GLU A 128 18.11 16.49 17.90
CA GLU A 128 18.48 17.91 17.82
C GLU A 128 17.36 18.85 17.30
N ASP A 129 16.19 18.29 17.00
CA ASP A 129 15.13 19.06 16.37
C ASP A 129 13.87 19.25 17.25
N ILE A 130 13.76 18.44 18.30
CA ILE A 130 12.65 18.56 19.25
C ILE A 130 12.44 20.02 19.60
N GLY A 131 11.22 20.52 19.48
CA GLY A 131 10.99 21.91 19.80
C GLY A 131 11.05 22.88 18.62
N LYS A 132 11.73 22.49 17.53
CA LYS A 132 11.74 23.26 16.29
C LYS A 132 10.56 22.85 15.38
N ASN A 133 10.11 23.76 14.53
CA ASN A 133 8.93 23.55 13.68
C ASN A 133 9.13 22.40 12.70
N ARG A 134 8.15 21.49 12.67
CA ARG A 134 8.29 20.29 11.85
C ARG A 134 8.52 20.57 10.35
N ALA A 135 7.79 21.54 9.80
CA ALA A 135 7.94 21.87 8.39
C ALA A 135 9.28 22.52 8.08
N GLU A 136 9.77 23.34 9.00
CA GLU A 136 10.99 24.08 8.77
C GLU A 136 12.19 23.16 8.84
N VAL A 137 12.11 22.16 9.70
CA VAL A 137 13.17 21.16 9.84
C VAL A 137 13.20 20.19 8.65
N SER A 138 12.03 19.73 8.22
CA SER A 138 11.92 18.79 7.13
C SER A 138 12.25 19.41 5.79
N GLN A 139 11.97 20.69 5.61
CA GLN A 139 12.16 21.33 4.30
C GLN A 139 13.59 21.29 3.68
N PRO A 140 14.65 21.57 4.46
CA PRO A 140 15.98 21.47 3.83
C PRO A 140 16.27 20.08 3.29
N ARG A 141 16.04 19.06 4.10
CA ARG A 141 16.33 17.69 3.68
C ARG A 141 15.42 17.22 2.54
N LEU A 142 14.16 17.64 2.55
CA LEU A 142 13.25 17.35 1.44
C LEU A 142 13.58 18.12 0.15
N ALA A 143 14.14 19.32 0.30
CA ALA A 143 14.52 20.12 -0.86
C ALA A 143 15.61 19.44 -1.66
N GLU A 144 16.51 18.74 -0.97
CA GLU A 144 17.62 18.04 -1.60
C GLU A 144 17.23 16.77 -2.38
N LEU A 145 15.97 16.37 -2.34
CA LEU A 145 15.58 15.17 -3.06
C LEU A 145 15.81 15.32 -4.56
N ASN A 146 15.44 16.48 -5.10
CA ASN A 146 15.70 16.79 -6.50
C ASN A 146 15.84 18.29 -6.73
N SER A 147 16.65 18.67 -7.72
CA SER A 147 16.87 20.07 -8.05
C SER A 147 15.64 20.81 -8.58
N TYR A 148 14.89 20.14 -9.44
CA TYR A 148 13.74 20.74 -10.13
C TYR A 148 12.52 21.18 -9.29
N VAL A 149 12.16 20.41 -8.27
CA VAL A 149 10.95 20.68 -7.52
C VAL A 149 11.23 21.56 -6.32
N PRO A 150 10.71 22.81 -6.36
CA PRO A 150 10.92 23.77 -5.28
C PRO A 150 10.11 23.34 -4.05
N VAL A 151 10.76 23.24 -2.90
CA VAL A 151 10.06 22.88 -1.68
C VAL A 151 10.15 24.03 -0.72
N THR A 152 9.01 24.46 -0.21
CA THR A 152 8.98 25.60 0.70
C THR A 152 8.22 25.23 1.97
N ALA A 153 8.49 25.94 3.05
CA ALA A 153 7.83 25.69 4.33
C ALA A 153 7.01 26.90 4.74
N TYR A 154 5.82 26.63 5.24
CA TYR A 154 4.92 27.66 5.69
C TYR A 154 4.37 27.29 7.06
N THR A 155 4.62 28.14 8.04
CA THR A 155 4.23 27.86 9.42
C THR A 155 3.00 28.64 9.86
N GLY A 156 2.31 29.26 8.92
CA GLY A 156 1.13 30.07 9.24
C GLY A 156 -0.20 29.33 9.24
N PRO A 157 -1.30 30.09 9.32
CA PRO A 157 -2.62 29.49 9.35
C PRO A 157 -3.10 29.17 7.95
N LEU A 158 -3.88 28.10 7.79
CA LEU A 158 -4.44 27.79 6.48
C LEU A 158 -5.64 28.68 6.18
N VAL A 159 -5.30 29.93 5.96
CA VAL A 159 -6.24 30.99 5.69
C VAL A 159 -6.69 30.87 4.24
N GLU A 160 -7.93 31.26 3.94
CA GLU A 160 -8.51 30.92 2.64
C GLU A 160 -7.80 31.46 1.39
N ASP A 161 -7.21 32.64 1.47
CA ASP A 161 -6.45 33.17 0.35
C ASP A 161 -5.02 32.65 0.27
N PHE A 162 -4.57 31.96 1.30
CA PHE A 162 -3.32 31.22 1.22
C PHE A 162 -3.60 29.92 0.45
N LEU A 163 -4.50 29.08 0.97
CA LEU A 163 -4.92 27.85 0.29
C LEU A 163 -5.20 28.08 -1.19
N SER A 164 -5.84 29.21 -1.49
CA SER A 164 -6.27 29.54 -2.84
C SER A 164 -5.14 29.50 -3.89
N GLY A 165 -3.91 29.76 -3.48
CA GLY A 165 -2.80 29.58 -4.38
C GLY A 165 -2.33 28.14 -4.58
N PHE A 166 -3.25 27.19 -4.63
CA PHE A 166 -2.91 25.78 -4.81
C PHE A 166 -3.94 25.02 -5.62
N GLN A 167 -3.46 23.98 -6.30
CA GLN A 167 -4.30 23.16 -7.15
C GLN A 167 -4.63 21.87 -6.43
N VAL A 168 -3.78 21.52 -5.46
CA VAL A 168 -3.94 20.33 -4.63
C VAL A 168 -3.58 20.62 -3.17
N VAL A 169 -4.37 20.10 -2.25
CA VAL A 169 -4.11 20.24 -0.83
C VAL A 169 -4.15 18.86 -0.19
N VAL A 170 -3.08 18.47 0.50
CA VAL A 170 -3.06 17.25 1.30
C VAL A 170 -3.15 17.58 2.79
N LEU A 171 -4.11 16.97 3.47
CA LEU A 171 -4.27 17.16 4.91
C LEU A 171 -3.85 15.91 5.68
N THR A 172 -3.02 16.10 6.71
CA THR A 172 -2.42 15.02 7.49
C THR A 172 -2.40 15.58 8.90
N ASN A 173 -2.56 14.74 9.92
CA ASN A 173 -2.44 15.21 11.31
C ASN A 173 -3.38 16.40 11.64
N THR A 174 -4.52 16.49 10.97
CA THR A 174 -5.40 17.64 11.09
C THR A 174 -6.70 17.29 11.81
N PRO A 175 -7.05 18.09 12.81
CA PRO A 175 -8.30 17.91 13.56
C PRO A 175 -9.51 17.93 12.64
N LEU A 176 -10.55 17.20 13.03
CA LEU A 176 -11.68 17.00 12.14
C LEU A 176 -12.32 18.32 11.69
N GLU A 177 -12.52 19.23 12.64
CA GLU A 177 -13.14 20.52 12.33
C GLU A 177 -12.36 21.27 11.27
N ASP A 178 -11.04 21.31 11.40
CA ASP A 178 -10.19 21.95 10.41
C ASP A 178 -10.27 21.27 9.05
N GLN A 179 -10.36 19.95 9.05
CA GLN A 179 -10.60 19.22 7.81
C GLN A 179 -11.91 19.70 7.15
N LEU A 180 -12.98 19.81 7.93
CA LEU A 180 -14.27 20.22 7.37
C LEU A 180 -14.16 21.65 6.84
N ARG A 181 -13.48 22.51 7.59
CA ARG A 181 -13.33 23.91 7.21
C ARG A 181 -12.53 24.06 5.93
N VAL A 182 -11.34 23.49 5.93
CA VAL A 182 -10.46 23.54 4.78
C VAL A 182 -11.14 22.87 3.61
N GLY A 183 -11.85 21.79 3.88
CA GLY A 183 -12.45 21.00 2.83
C GLY A 183 -13.63 21.68 2.16
N GLU A 184 -14.41 22.45 2.91
CA GLU A 184 -15.54 23.09 2.28
C GLU A 184 -15.00 24.21 1.40
N PHE A 185 -14.00 24.93 1.91
CA PHE A 185 -13.32 25.91 1.08
C PHE A 185 -12.76 25.33 -0.21
N CYS A 186 -11.94 24.28 -0.09
CA CYS A 186 -11.27 23.70 -1.24
C CYS A 186 -12.27 23.29 -2.29
N HIS A 187 -13.35 22.68 -1.82
CA HIS A 187 -14.37 22.19 -2.73
C HIS A 187 -15.04 23.35 -3.45
N ASN A 188 -15.18 24.48 -2.75
CA ASN A 188 -15.84 25.66 -3.29
C ASN A 188 -14.99 26.38 -4.31
N ARG A 189 -13.71 26.56 -4.02
CA ARG A 189 -12.85 27.26 -4.96
C ARG A 189 -12.03 26.32 -5.84
N GLY A 190 -12.55 25.10 -6.00
CA GLY A 190 -12.05 24.12 -6.95
C GLY A 190 -10.73 23.42 -6.65
N ILE A 191 -10.23 23.57 -5.43
CA ILE A 191 -8.97 22.95 -5.05
C ILE A 191 -9.18 21.48 -4.72
N LYS A 192 -8.34 20.61 -5.26
CA LYS A 192 -8.48 19.17 -5.06
C LYS A 192 -7.88 18.74 -3.72
N LEU A 193 -8.66 17.96 -2.96
CA LEU A 193 -8.34 17.62 -1.58
C LEU A 193 -7.98 16.13 -1.39
N VAL A 194 -6.83 15.88 -0.80
CA VAL A 194 -6.54 14.55 -0.30
C VAL A 194 -6.37 14.59 1.22
N VAL A 195 -7.16 13.79 1.93
CA VAL A 195 -7.01 13.65 3.39
C VAL A 195 -6.55 12.24 3.77
N ALA A 196 -5.47 12.17 4.55
CA ALA A 196 -4.85 10.87 4.84
C ALA A 196 -4.54 10.74 6.32
N ASP A 197 -4.72 9.53 6.85
CA ASP A 197 -4.59 9.35 8.28
C ASP A 197 -4.23 7.91 8.67
N THR A 198 -3.45 7.79 9.73
CA THR A 198 -2.99 6.50 10.23
C THR A 198 -3.19 6.44 11.73
N ARG A 199 -3.97 5.46 12.18
CA ARG A 199 -4.14 5.28 13.62
C ARG A 199 -3.77 3.87 14.03
N GLY A 200 -2.51 3.72 14.44
CA GLY A 200 -1.87 2.43 14.60
C GLY A 200 -1.87 1.56 13.35
N LEU A 201 -2.60 0.47 13.44
CA LEU A 201 -2.74 -0.52 12.38
C LEU A 201 -3.77 -0.10 11.32
N PHE A 202 -4.52 0.97 11.59
CA PHE A 202 -5.58 1.39 10.69
C PHE A 202 -5.26 2.65 9.89
N GLY A 203 -5.81 2.71 8.69
CA GLY A 203 -5.57 3.83 7.83
C GLY A 203 -6.83 4.35 7.17
N GLN A 204 -6.81 5.63 6.88
CA GLN A 204 -7.94 6.25 6.23
C GLN A 204 -7.48 7.13 5.08
N LEU A 205 -8.23 7.11 4.00
CA LEU A 205 -7.90 7.93 2.84
C LEU A 205 -9.16 8.55 2.28
N PHE A 206 -9.14 9.87 2.13
CA PHE A 206 -10.24 10.58 1.50
C PHE A 206 -9.81 11.44 0.30
N CYS A 207 -10.70 11.54 -0.70
CA CYS A 207 -10.45 12.36 -1.89
C CYS A 207 -11.71 13.11 -2.33
N ASP A 208 -11.57 14.41 -2.53
CA ASP A 208 -12.58 15.21 -3.17
C ASP A 208 -11.88 15.96 -4.30
N PHE A 209 -11.96 15.41 -5.50
CA PHE A 209 -11.38 16.08 -6.67
C PHE A 209 -12.38 17.02 -7.31
N GLY A 210 -13.33 17.49 -6.50
CA GLY A 210 -14.27 18.49 -6.92
C GLY A 210 -15.38 17.91 -7.77
N GLU A 211 -16.56 18.53 -7.72
CA GLU A 211 -17.75 17.99 -8.39
C GLU A 211 -17.58 17.81 -9.90
N GLU A 212 -16.36 18.02 -10.39
CA GLU A 212 -16.01 17.74 -11.77
C GLU A 212 -14.65 17.08 -11.89
N MET A 213 -14.63 15.89 -12.48
CA MET A 213 -13.41 15.23 -12.92
C MET A 213 -13.77 14.33 -14.10
N ILE A 214 -13.08 14.51 -15.23
CA ILE A 214 -13.32 13.65 -16.40
C ILE A 214 -12.54 12.35 -16.20
N LEU A 215 -13.22 11.23 -16.05
CA LEU A 215 -12.54 9.96 -15.75
C LEU A 215 -12.63 8.93 -16.87
N THR A 216 -11.52 8.26 -17.15
CA THR A 216 -11.51 7.22 -18.19
C THR A 216 -11.95 5.88 -17.57
N ASP A 217 -12.80 5.13 -18.30
CA ASP A 217 -13.33 3.87 -17.77
C ASP A 217 -13.51 2.79 -18.85
N SER A 218 -13.44 1.53 -18.38
CA SER A 218 -13.90 0.31 -19.06
C SER A 218 -13.18 -0.93 -18.49
N PRO A 223 -17.19 -0.07 -25.99
CA PRO A 223 -16.96 -1.45 -26.44
C PRO A 223 -17.52 -1.70 -27.83
N LEU A 224 -18.09 -0.65 -28.41
CA LEU A 224 -18.58 -0.68 -29.78
C LEU A 224 -17.39 -0.67 -30.74
N SER A 225 -17.51 -1.47 -31.79
CA SER A 225 -16.43 -1.62 -32.75
C SER A 225 -16.85 -1.15 -34.13
N ALA A 226 -15.87 -0.86 -34.98
CA ALA A 226 -16.13 -0.59 -36.39
C ALA A 226 -15.20 -1.43 -37.25
N MET A 227 -15.33 -1.34 -38.56
CA MET A 227 -14.48 -2.11 -39.46
C MET A 227 -13.65 -1.21 -40.37
N VAL A 228 -12.34 -1.20 -40.13
CA VAL A 228 -11.44 -0.30 -40.84
C VAL A 228 -11.53 -0.48 -42.34
N SER A 229 -11.99 0.56 -43.02
CA SER A 229 -11.99 0.57 -44.48
C SER A 229 -10.74 1.29 -45.01
N MET A 230 -10.21 2.22 -44.21
CA MET A 230 -8.96 2.93 -44.55
C MET A 230 -8.39 3.77 -43.39
N VAL A 231 -7.06 3.91 -43.37
CA VAL A 231 -6.39 4.85 -42.48
C VAL A 231 -5.16 5.46 -43.19
N THR A 232 -5.02 6.78 -43.10
CA THR A 232 -3.98 7.49 -43.84
C THR A 232 -2.61 7.39 -43.16
N LYS A 233 -1.60 7.98 -43.78
CA LYS A 233 -0.27 8.08 -43.19
C LYS A 233 0.01 9.54 -42.85
N ASP A 234 -1.00 10.21 -42.33
CA ASP A 234 -0.94 11.65 -42.07
C ASP A 234 -0.64 11.96 -40.58
N ASN A 235 -0.49 13.26 -40.29
CA ASN A 235 -0.18 13.74 -38.95
C ASN A 235 -1.21 14.79 -38.56
N PRO A 236 -2.35 14.36 -38.00
CA PRO A 236 -2.66 13.02 -37.53
C PRO A 236 -3.23 12.09 -38.59
N GLY A 237 -3.00 10.79 -38.43
CA GLY A 237 -3.60 9.78 -39.29
C GLY A 237 -5.11 9.82 -39.16
N VAL A 238 -5.81 9.57 -40.25
CA VAL A 238 -7.26 9.72 -40.27
C VAL A 238 -7.96 8.44 -40.73
N VAL A 239 -8.63 7.77 -39.79
CA VAL A 239 -9.28 6.48 -40.05
C VAL A 239 -10.63 6.68 -40.73
N THR A 240 -11.02 5.73 -41.58
CA THR A 240 -12.32 5.74 -42.22
C THR A 240 -12.96 4.34 -42.16
N CYS A 241 -14.26 4.29 -42.42
CA CYS A 241 -15.00 3.01 -42.49
C CYS A 241 -16.39 3.17 -43.12
N LEU A 242 -17.05 2.05 -43.43
CA LEU A 242 -18.44 2.08 -43.88
C LEU A 242 -19.38 2.13 -42.67
N ASP A 243 -20.67 2.16 -42.93
CA ASP A 243 -21.67 2.35 -41.87
C ASP A 243 -21.55 1.30 -40.77
N ARG A 246 -18.94 2.98 -35.02
CA ARG A 246 -18.25 3.88 -35.93
C ARG A 246 -18.32 5.33 -35.40
N HIS A 247 -19.49 5.68 -34.88
CA HIS A 247 -19.68 6.96 -34.23
C HIS A 247 -19.96 6.74 -32.74
N GLY A 248 -20.08 7.84 -32.00
CA GLY A 248 -20.17 7.78 -30.55
C GLY A 248 -18.77 7.83 -29.96
N PHE A 249 -17.79 7.60 -30.82
CA PHE A 249 -16.38 7.63 -30.45
C PHE A 249 -16.04 9.03 -29.93
N GLU A 250 -16.63 10.03 -30.55
CA GLU A 250 -16.46 11.43 -30.13
C GLU A 250 -14.98 11.78 -30.00
N SER A 251 -14.64 12.50 -28.94
CA SER A 251 -13.24 12.78 -28.68
C SER A 251 -12.84 12.13 -27.36
N GLY A 252 -11.55 12.13 -27.06
CA GLY A 252 -11.07 11.64 -25.78
C GLY A 252 -11.23 10.15 -25.55
N ASP A 253 -11.82 9.45 -26.51
CA ASP A 253 -11.91 8.00 -26.45
C ASP A 253 -10.55 7.40 -26.73
N PHE A 254 -10.25 6.27 -26.09
CA PHE A 254 -9.06 5.51 -26.43
C PHE A 254 -9.43 4.23 -27.14
N VAL A 255 -8.62 3.87 -28.13
CA VAL A 255 -9.02 2.90 -29.16
C VAL A 255 -7.90 1.91 -29.51
N SER A 256 -8.25 0.64 -29.76
CA SER A 256 -7.24 -0.35 -30.18
C SER A 256 -7.54 -1.00 -31.54
N PHE A 257 -6.49 -1.52 -32.17
CA PHE A 257 -6.59 -2.09 -33.52
C PHE A 257 -6.18 -3.55 -33.54
N SER A 258 -6.70 -4.29 -34.51
CA SER A 258 -6.20 -5.63 -34.83
C SER A 258 -6.53 -6.00 -36.29
N GLU A 259 -5.64 -6.81 -36.90
CA GLU A 259 -5.78 -7.28 -38.28
C GLU A 259 -5.53 -6.23 -39.37
N VAL A 260 -4.91 -5.11 -39.00
CA VAL A 260 -4.64 -4.03 -39.95
C VAL A 260 -3.47 -4.36 -40.88
N GLN A 261 -3.79 -4.73 -42.12
CA GLN A 261 -2.77 -5.06 -43.12
C GLN A 261 -2.08 -3.79 -43.62
N GLY A 262 -0.81 -3.93 -43.99
CA GLY A 262 -0.03 -2.78 -44.41
C GLY A 262 0.75 -2.16 -43.25
N MET A 263 0.13 -1.21 -42.55
CA MET A 263 0.71 -0.70 -41.31
C MET A 263 0.39 -1.61 -40.13
N VAL A 264 1.16 -2.68 -40.01
CA VAL A 264 0.96 -3.71 -39.00
C VAL A 264 1.19 -3.13 -37.59
N GLU A 265 1.94 -2.03 -37.55
CA GLU A 265 2.32 -1.36 -36.31
C GLU A 265 1.13 -0.85 -35.50
N LEU A 266 -0.03 -0.72 -36.13
CA LEU A 266 -1.21 -0.24 -35.42
C LEU A 266 -1.85 -1.34 -34.59
N ASN A 267 -1.59 -2.59 -34.98
CA ASN A 267 -2.20 -3.74 -34.33
C ASN A 267 -1.92 -3.85 -32.84
N GLY A 268 -0.68 -4.14 -32.48
CA GLY A 268 -0.37 -4.41 -31.09
C GLY A 268 -0.08 -3.18 -30.24
N ASN A 269 -0.62 -2.03 -30.62
CA ASN A 269 -0.22 -0.76 -30.01
C ASN A 269 -0.95 -0.46 -28.72
N GLN A 270 -0.51 0.58 -28.02
CA GLN A 270 -1.24 1.06 -26.87
C GLN A 270 -2.51 1.71 -27.37
N PRO A 271 -3.57 1.73 -26.53
CA PRO A 271 -4.78 2.49 -26.86
C PRO A 271 -4.47 3.97 -27.16
N MET A 272 -5.02 4.50 -28.26
CA MET A 272 -4.76 5.88 -28.70
C MET A 272 -5.97 6.78 -28.56
N GLU A 273 -5.71 8.03 -28.18
CA GLU A 273 -6.75 9.03 -28.07
C GLU A 273 -7.33 9.41 -29.44
N ILE A 274 -8.66 9.57 -29.47
CA ILE A 274 -9.41 9.76 -30.71
C ILE A 274 -10.01 11.17 -30.82
N LYS A 275 -10.19 11.65 -32.05
CA LYS A 275 -10.85 12.92 -32.29
C LYS A 275 -11.81 12.82 -33.48
N VAL A 276 -13.08 12.56 -33.20
CA VAL A 276 -14.09 12.32 -34.24
C VAL A 276 -14.33 13.56 -35.10
N LEU A 277 -14.36 13.36 -36.41
CA LEU A 277 -14.64 14.43 -37.37
C LEU A 277 -16.05 14.28 -37.94
N GLY A 278 -16.53 13.03 -37.97
CA GLY A 278 -17.85 12.70 -38.47
C GLY A 278 -18.25 11.27 -38.14
N PRO A 279 -19.36 10.80 -38.72
CA PRO A 279 -19.88 9.46 -38.43
C PRO A 279 -18.97 8.36 -38.94
N TYR A 280 -18.27 8.60 -40.04
CA TYR A 280 -17.45 7.57 -40.66
C TYR A 280 -15.97 7.71 -40.32
N THR A 281 -15.58 8.89 -39.85
CA THR A 281 -14.17 9.17 -39.60
C THR A 281 -13.83 9.76 -38.24
N PHE A 282 -12.68 9.33 -37.71
CA PHE A 282 -12.14 9.82 -36.45
C PHE A 282 -10.63 9.99 -36.62
N SER A 283 -10.02 10.85 -35.82
CA SER A 283 -8.58 11.07 -35.95
C SER A 283 -7.78 10.35 -34.87
N ILE A 284 -6.88 9.47 -35.31
CA ILE A 284 -6.01 8.70 -34.43
C ILE A 284 -4.67 9.37 -34.19
N CYS A 285 -3.74 8.61 -33.64
CA CYS A 285 -2.39 9.09 -33.37
C CYS A 285 -1.65 9.31 -34.68
N ASP A 286 -0.59 10.10 -34.63
CA ASP A 286 0.17 10.41 -35.84
C ASP A 286 0.72 9.11 -36.44
N THR A 287 0.64 9.03 -37.77
CA THR A 287 1.04 7.85 -38.51
C THR A 287 2.02 8.11 -39.66
N SER A 288 2.56 9.33 -39.73
CA SER A 288 3.45 9.72 -40.83
C SER A 288 4.64 8.78 -41.00
N ASN A 289 5.27 8.41 -39.88
CA ASN A 289 6.43 7.53 -39.94
C ASN A 289 6.12 6.04 -39.80
N PHE A 290 4.98 5.62 -40.35
CA PHE A 290 4.59 4.22 -40.37
C PHE A 290 4.66 3.65 -41.78
N SER A 291 4.32 2.38 -41.92
CA SER A 291 4.25 1.76 -43.23
C SER A 291 2.86 1.99 -43.85
N ASP A 292 2.75 1.84 -45.17
CA ASP A 292 1.49 2.15 -45.86
C ASP A 292 0.37 1.13 -45.62
N TYR A 293 -0.87 1.59 -45.70
CA TYR A 293 -2.04 0.79 -45.32
C TYR A 293 -2.59 -0.10 -46.43
N ILE A 294 -3.20 -1.22 -46.03
CA ILE A 294 -4.00 -2.06 -46.92
C ILE A 294 -5.28 -2.48 -46.18
N ARG A 295 -6.34 -2.81 -46.93
CA ARG A 295 -7.73 -2.89 -46.44
C ARG A 295 -8.06 -3.46 -45.04
N GLY A 296 -7.62 -4.69 -44.75
CA GLY A 296 -8.05 -5.40 -43.56
C GLY A 296 -7.90 -4.61 -42.27
N GLY A 297 -8.67 -4.97 -41.26
CA GLY A 297 -8.52 -4.36 -39.95
C GLY A 297 -9.81 -4.00 -39.23
N ILE A 298 -9.83 -4.27 -37.93
CA ILE A 298 -10.95 -3.89 -37.07
C ILE A 298 -10.49 -2.93 -35.97
N VAL A 299 -11.41 -2.07 -35.52
CA VAL A 299 -11.12 -1.12 -34.45
C VAL A 299 -12.06 -1.37 -33.28
N SER A 300 -11.60 -1.08 -32.07
CA SER A 300 -12.42 -1.28 -30.89
C SER A 300 -12.34 -0.05 -30.01
N GLN A 301 -13.16 -0.02 -28.96
CA GLN A 301 -13.16 1.10 -28.04
C GLN A 301 -12.71 0.60 -26.68
N VAL A 302 -11.57 1.08 -26.19
CA VAL A 302 -10.97 0.55 -24.97
C VAL A 302 -11.33 1.32 -23.72
N LYS A 303 -11.42 2.64 -23.84
CA LYS A 303 -11.79 3.48 -22.70
C LYS A 303 -12.60 4.68 -23.16
N VAL A 304 -13.49 5.16 -22.29
CA VAL A 304 -14.27 6.36 -22.57
C VAL A 304 -14.25 7.24 -21.33
N PRO A 305 -14.36 8.56 -21.52
CA PRO A 305 -14.39 9.52 -20.40
C PRO A 305 -15.78 9.74 -19.82
N LYS A 306 -15.85 10.04 -18.52
CA LYS A 306 -17.10 10.35 -17.84
C LYS A 306 -16.83 11.43 -16.82
N LYS A 307 -17.72 12.41 -16.71
CA LYS A 307 -17.61 13.35 -15.61
C LYS A 307 -18.04 12.62 -14.35
N ILE A 308 -17.16 12.58 -13.36
CA ILE A 308 -17.54 12.05 -12.05
C ILE A 308 -17.70 13.23 -11.10
N SER A 309 -18.76 13.23 -10.31
CA SER A 309 -19.00 14.31 -9.36
C SER A 309 -18.61 13.90 -7.93
N PHE A 310 -17.79 14.73 -7.28
CA PHE A 310 -17.29 14.44 -5.94
C PHE A 310 -18.00 15.26 -4.89
N LYS A 311 -18.43 14.61 -3.80
CA LYS A 311 -19.00 15.35 -2.68
C LYS A 311 -17.88 16.09 -1.97
N SER A 312 -18.20 17.24 -1.37
CA SER A 312 -17.27 17.90 -0.46
C SER A 312 -17.02 16.96 0.73
N LEU A 313 -15.98 17.22 1.52
CA LEU A 313 -15.67 16.37 2.68
C LEU A 313 -16.81 16.38 3.69
N VAL A 314 -17.37 17.57 3.92
CA VAL A 314 -18.48 17.76 4.85
C VAL A 314 -19.68 16.92 4.45
N ALA A 315 -19.95 16.84 3.16
CA ALA A 315 -21.04 16.02 2.63
C ALA A 315 -20.73 14.53 2.63
N SER A 316 -19.52 14.18 2.21
CA SER A 316 -19.14 12.78 2.02
C SER A 316 -19.01 12.13 3.37
N LEU A 317 -18.67 12.93 4.36
CA LEU A 317 -18.57 12.44 5.72
C LEU A 317 -19.89 11.82 6.16
N ALA A 318 -20.99 12.47 5.80
CA ALA A 318 -22.32 12.00 6.12
C ALA A 318 -22.83 10.93 5.14
N GLU A 319 -22.46 11.05 3.87
CA GLU A 319 -22.97 10.16 2.83
C GLU A 319 -21.84 9.54 2.03
N PRO A 320 -21.04 8.68 2.68
CA PRO A 320 -19.73 8.25 2.16
C PRO A 320 -19.81 7.12 1.14
N ASP A 321 -19.21 7.33 -0.03
CA ASP A 321 -18.97 6.21 -0.92
C ASP A 321 -17.69 5.53 -0.48
N PHE A 322 -17.72 4.20 -0.41
CA PHE A 322 -16.55 3.45 -0.02
C PHE A 322 -15.94 2.71 -1.20
N VAL A 323 -14.71 2.29 -1.02
CA VAL A 323 -13.97 1.55 -2.03
C VAL A 323 -13.47 0.21 -1.49
N LYS A 329 -9.08 -2.59 1.10
CA LYS A 329 -9.20 -4.03 1.11
C LYS A 329 -9.90 -4.55 2.39
N PHE A 330 -10.09 -3.66 3.36
CA PHE A 330 -10.71 -4.01 4.65
C PHE A 330 -12.19 -4.38 4.57
N SER A 331 -12.57 -5.41 5.32
CA SER A 331 -13.90 -6.02 5.25
C SER A 331 -15.07 -5.17 5.75
N ARG A 332 -14.81 -4.18 6.61
CA ARG A 332 -15.91 -3.39 7.17
C ARG A 332 -15.66 -1.88 7.32
N PRO A 333 -15.65 -1.16 6.20
CA PRO A 333 -15.27 0.26 6.22
C PRO A 333 -16.27 1.20 6.89
N ALA A 334 -17.57 0.95 6.80
CA ALA A 334 -18.53 1.86 7.44
C ALA A 334 -18.29 1.95 8.94
N GLN A 335 -17.88 0.83 9.53
CA GLN A 335 -17.57 0.80 10.94
C GLN A 335 -16.26 1.49 11.33
N LEU A 336 -15.21 1.31 10.53
CA LEU A 336 -14.05 2.19 10.62
C LEU A 336 -14.45 3.66 10.46
N HIS A 337 -15.31 3.94 9.48
CA HIS A 337 -15.73 5.31 9.26
C HIS A 337 -16.29 5.87 10.55
N ILE A 338 -17.26 5.16 11.13
CA ILE A 338 -17.85 5.52 12.42
C ILE A 338 -16.77 5.60 13.48
N GLY A 339 -15.97 4.53 13.57
CA GLY A 339 -14.86 4.48 14.50
C GLY A 339 -13.92 5.66 14.40
N PHE A 340 -13.60 6.10 13.18
CA PHE A 340 -12.68 7.23 13.01
C PHE A 340 -13.29 8.56 13.45
N GLN A 341 -14.59 8.71 13.22
CA GLN A 341 -15.31 9.89 13.67
C GLN A 341 -15.21 9.98 15.18
N ALA A 342 -15.55 8.89 15.86
CA ALA A 342 -15.54 8.82 17.31
C ALA A 342 -14.14 9.09 17.85
N LEU A 343 -13.15 8.62 17.11
CA LEU A 343 -11.76 8.83 17.51
C LEU A 343 -11.38 10.30 17.53
N HIS A 344 -11.82 11.07 16.52
CA HIS A 344 -11.64 12.52 16.54
C HIS A 344 -12.39 13.15 17.69
N GLN A 345 -13.59 12.65 17.96
CA GLN A 345 -14.31 13.22 19.07
C GLN A 345 -13.53 12.97 20.38
N PHE A 346 -12.93 11.79 20.48
CA PHE A 346 -12.17 11.43 21.68
C PHE A 346 -10.97 12.34 21.83
N CYS A 347 -10.18 12.44 20.77
CA CYS A 347 -8.96 13.25 20.81
C CYS A 347 -9.28 14.71 21.07
N ALA A 348 -10.36 15.19 20.49
CA ALA A 348 -10.76 16.56 20.74
C ALA A 348 -11.17 16.78 22.19
N GLN A 349 -11.71 15.75 22.84
CA GLN A 349 -12.08 15.88 24.26
C GLN A 349 -10.86 15.82 25.16
N HIS A 350 -10.05 14.78 24.97
CA HIS A 350 -9.02 14.45 25.93
C HIS A 350 -7.68 15.09 25.62
N GLY A 351 -7.46 15.44 24.37
CA GLY A 351 -6.19 16.01 23.96
C GLY A 351 -5.15 14.97 23.60
N ARG A 352 -5.53 13.70 23.68
CA ARG A 352 -4.63 12.57 23.40
C ARG A 352 -5.51 11.51 22.76
N PRO A 353 -4.91 10.49 22.13
CA PRO A 353 -5.72 9.36 21.67
C PRO A 353 -5.91 8.42 22.85
N PRO A 354 -6.68 7.34 22.68
CA PRO A 354 -6.76 6.29 23.71
C PRO A 354 -5.43 5.58 23.95
N ARG A 355 -5.09 5.39 25.23
CA ARG A 355 -3.92 4.62 25.59
C ARG A 355 -4.25 3.13 25.45
N PRO A 356 -3.29 2.32 24.97
CA PRO A 356 -3.53 0.87 25.02
C PRO A 356 -3.40 0.48 26.47
N ARG A 357 -3.69 -0.78 26.80
CA ARG A 357 -3.66 -1.22 28.19
C ARG A 357 -4.58 -0.34 29.01
N ASN A 358 -5.64 0.15 28.38
CA ASN A 358 -6.58 1.00 29.08
C ASN A 358 -8.03 0.72 28.69
N ASP A 359 -8.63 -0.28 29.31
CA ASP A 359 -9.98 -0.70 28.95
C ASP A 359 -11.05 0.38 29.19
N GLU A 360 -10.67 1.45 29.88
CA GLU A 360 -11.56 2.60 30.11
C GLU A 360 -11.72 3.48 28.86
N ASP A 361 -10.58 3.90 28.28
CA ASP A 361 -10.57 4.72 27.07
C ASP A 361 -11.27 3.98 25.96
N ALA A 362 -11.08 2.68 25.92
CA ALA A 362 -11.73 1.86 24.90
C ALA A 362 -13.24 1.79 25.11
N ALA A 363 -13.67 1.88 26.36
CA ALA A 363 -15.10 1.87 26.64
C ALA A 363 -15.68 3.22 26.25
N GLU A 364 -14.95 4.29 26.57
CA GLU A 364 -15.33 5.62 26.11
C GLU A 364 -15.52 5.66 24.59
N LEU A 365 -14.52 5.17 23.86
CA LEU A 365 -14.59 5.13 22.41
C LEU A 365 -15.81 4.37 21.92
N VAL A 366 -16.15 3.27 22.57
CA VAL A 366 -17.35 2.52 22.19
C VAL A 366 -18.64 3.36 22.40
N ALA A 367 -18.70 4.08 23.52
CA ALA A 367 -19.82 4.99 23.78
C ALA A 367 -19.91 6.02 22.68
N LEU A 368 -18.78 6.62 22.33
CA LEU A 368 -18.73 7.59 21.23
C LEU A 368 -19.14 6.97 19.88
N ALA A 369 -18.65 5.76 19.60
CA ALA A 369 -19.01 5.12 18.36
C ALA A 369 -20.52 4.85 18.29
N GLN A 370 -21.09 4.40 19.40
CA GLN A 370 -22.52 4.08 19.45
C GLN A 370 -23.36 5.34 19.15
N ALA A 371 -22.94 6.44 19.74
CA ALA A 371 -23.66 7.68 19.55
C ALA A 371 -23.49 8.14 18.10
N VAL A 372 -22.26 8.04 17.58
CA VAL A 372 -21.98 8.37 16.18
C VAL A 372 -22.86 7.52 15.26
N ASN A 373 -22.97 6.23 15.58
CA ASN A 373 -23.84 5.33 14.85
C ASN A 373 -25.32 5.73 14.96
N ALA A 374 -25.77 6.06 16.17
CA ALA A 374 -27.15 6.51 16.38
C ALA A 374 -27.54 7.75 15.56
N ARG A 375 -26.58 8.64 15.37
CA ARG A 375 -26.84 9.91 14.70
C ARG A 375 -26.67 9.82 13.18
N ALA A 376 -26.00 8.75 12.73
CA ALA A 376 -25.68 8.57 11.31
C ALA A 376 -26.88 8.24 10.41
N LEU A 377 -26.82 8.75 9.18
CA LEU A 377 -27.87 8.56 8.20
C LEU A 377 -28.04 7.06 7.91
N PRO A 378 -29.21 6.65 7.40
CA PRO A 378 -29.54 5.22 7.28
C PRO A 378 -28.54 4.42 6.44
N ALA A 379 -27.85 5.08 5.51
CA ALA A 379 -26.83 4.44 4.68
C ALA A 379 -25.69 3.86 5.51
N VAL A 380 -24.95 4.74 6.19
CA VAL A 380 -23.83 4.35 7.04
C VAL A 380 -24.30 3.51 8.19
N GLN A 381 -25.33 4.00 8.87
CA GLN A 381 -25.83 3.44 10.11
C GLN A 381 -25.96 1.91 10.14
N GLN A 382 -25.33 1.33 11.16
CA GLN A 382 -25.28 -0.12 11.32
C GLN A 382 -26.32 -0.59 12.35
N ASN A 383 -27.00 -1.69 12.05
CA ASN A 383 -27.96 -2.25 12.99
C ASN A 383 -27.26 -2.72 14.23
N ASN A 384 -26.10 -3.34 14.05
CA ASN A 384 -25.27 -3.73 15.15
C ASN A 384 -23.87 -3.27 14.87
N LEU A 385 -23.33 -2.38 15.69
CA LEU A 385 -21.97 -1.97 15.41
C LEU A 385 -20.98 -2.93 16.08
N ASP A 386 -19.87 -3.17 15.40
CA ASP A 386 -18.85 -4.11 15.85
C ASP A 386 -18.04 -3.49 16.99
N GLU A 387 -18.51 -3.65 18.22
CA GLU A 387 -17.83 -3.06 19.36
C GLU A 387 -16.43 -3.63 19.52
N ASP A 388 -16.23 -4.84 19.00
CA ASP A 388 -14.93 -5.47 19.08
C ASP A 388 -13.92 -4.71 18.26
N LEU A 389 -14.29 -4.47 17.01
CA LEU A 389 -13.55 -3.60 16.11
C LEU A 389 -13.25 -2.20 16.67
N ILE A 390 -14.26 -1.54 17.26
CA ILE A 390 -14.04 -0.22 17.87
C ILE A 390 -13.02 -0.30 19.02
N ARG A 391 -13.09 -1.35 19.81
CA ARG A 391 -12.16 -1.44 20.94
C ARG A 391 -10.74 -1.69 20.44
N LYS A 392 -10.62 -2.49 19.38
CA LYS A 392 -9.32 -2.67 18.74
C LYS A 392 -8.76 -1.31 18.33
N LEU A 393 -9.60 -0.46 17.74
CA LEU A 393 -9.20 0.86 17.30
C LEU A 393 -8.72 1.74 18.45
N ALA A 394 -9.33 1.59 19.61
CA ALA A 394 -8.93 2.42 20.74
C ALA A 394 -7.55 1.99 21.24
N TYR A 395 -7.38 0.67 21.36
CA TYR A 395 -6.20 0.08 21.99
C TYR A 395 -5.01 0.28 21.10
N VAL A 396 -5.30 0.49 19.83
CA VAL A 396 -4.30 0.52 18.78
C VAL A 396 -4.18 1.93 18.20
N ALA A 397 -4.74 2.93 18.87
CA ALA A 397 -4.67 4.29 18.33
C ALA A 397 -3.38 5.03 18.61
N ALA A 398 -2.71 4.71 19.71
CA ALA A 398 -1.49 5.41 20.11
C ALA A 398 -0.38 5.24 19.08
N GLY A 399 -0.46 4.17 18.28
CA GLY A 399 0.64 3.76 17.43
C GLY A 399 0.93 4.54 16.16
N ASP A 400 2.23 4.72 15.95
CA ASP A 400 2.75 5.48 14.83
C ASP A 400 3.84 4.60 14.18
N LEU A 401 3.46 3.88 13.13
CA LEU A 401 4.24 2.75 12.65
C LEU A 401 4.70 2.92 11.23
N ALA A 402 6.00 3.10 11.08
CA ALA A 402 6.65 3.35 9.81
C ALA A 402 6.11 2.55 8.61
N PRO A 403 5.96 1.22 8.75
CA PRO A 403 5.49 0.48 7.56
C PRO A 403 4.08 0.87 7.14
N ILE A 404 3.21 1.17 8.10
CA ILE A 404 1.84 1.59 7.79
C ILE A 404 1.85 2.96 7.10
N ASN A 405 2.50 3.93 7.75
CA ASN A 405 2.70 5.27 7.19
C ASN A 405 3.26 5.25 5.79
N ALA A 406 4.25 4.39 5.56
CA ALA A 406 4.87 4.31 4.25
C ALA A 406 3.86 3.76 3.26
N PHE A 407 3.13 2.74 3.67
CA PHE A 407 2.13 2.12 2.81
C PHE A 407 1.00 3.09 2.43
N ILE A 408 0.35 3.70 3.42
CA ILE A 408 -0.73 4.64 3.16
C ILE A 408 -0.19 5.90 2.48
N GLY A 409 1.01 6.31 2.88
CA GLY A 409 1.71 7.41 2.23
C GLY A 409 1.96 7.13 0.74
N GLY A 410 2.10 5.85 0.41
CA GLY A 410 2.24 5.47 -0.98
C GLY A 410 0.96 5.74 -1.72
N LEU A 411 -0.15 5.27 -1.17
CA LEU A 411 -1.46 5.37 -1.81
C LEU A 411 -1.88 6.82 -1.92
N ALA A 412 -1.63 7.57 -0.86
CA ALA A 412 -1.95 8.98 -0.81
C ALA A 412 -1.21 9.75 -1.94
N ALA A 413 0.05 9.42 -2.17
CA ALA A 413 0.85 10.10 -3.18
C ALA A 413 0.33 9.85 -4.59
N GLN A 414 -0.14 8.63 -4.86
CA GLN A 414 -0.75 8.34 -6.16
C GLN A 414 -2.05 9.13 -6.28
N GLU A 415 -2.70 9.39 -5.16
CA GLU A 415 -3.88 10.24 -5.22
C GLU A 415 -3.46 11.65 -5.62
N VAL A 416 -2.44 12.17 -4.97
CA VAL A 416 -1.95 13.48 -5.34
C VAL A 416 -1.58 13.52 -6.82
N MET A 417 -0.88 12.50 -7.30
CA MET A 417 -0.43 12.47 -8.69
C MET A 417 -1.61 12.51 -9.64
N LYS A 418 -2.67 11.77 -9.30
CA LYS A 418 -3.89 11.72 -10.07
C LYS A 418 -4.55 13.11 -10.10
N ALA A 419 -4.62 13.74 -8.93
CA ALA A 419 -5.15 15.11 -8.82
C ALA A 419 -4.32 16.15 -9.59
N CYS A 420 -3.04 15.84 -9.80
CA CYS A 420 -2.08 16.78 -10.41
C CYS A 420 -2.15 16.85 -11.94
N SER A 421 -2.53 15.74 -12.57
CA SER A 421 -2.73 15.68 -14.01
C SER A 421 -3.29 14.31 -14.35
N GLY A 422 -3.77 14.18 -15.57
CA GLY A 422 -4.12 12.89 -16.13
C GLY A 422 -5.58 12.55 -16.08
N LYS A 423 -6.22 12.90 -14.98
CA LYS A 423 -7.59 12.46 -14.77
C LYS A 423 -7.72 10.94 -15.04
N PHE A 424 -7.16 10.15 -14.12
CA PHE A 424 -7.49 8.73 -14.04
C PHE A 424 -8.29 8.57 -12.78
N MET A 425 -8.89 7.41 -12.60
CA MET A 425 -9.96 7.21 -11.60
C MET A 425 -9.44 7.31 -10.16
N PRO A 426 -9.90 8.33 -9.45
CA PRO A 426 -9.49 8.56 -8.06
C PRO A 426 -10.26 7.66 -7.11
N ILE A 427 -9.76 7.52 -5.89
CA ILE A 427 -10.47 6.75 -4.88
C ILE A 427 -11.79 7.47 -4.71
N MET A 428 -12.87 6.71 -4.54
CA MET A 428 -14.18 7.35 -4.45
C MET A 428 -14.43 7.87 -3.05
N GLN A 429 -13.68 8.91 -2.72
CA GLN A 429 -13.80 9.63 -1.47
C GLN A 429 -13.28 8.89 -0.24
N TRP A 430 -13.79 7.70 0.05
CA TRP A 430 -13.35 6.99 1.26
C TRP A 430 -12.75 5.61 1.05
N LEU A 431 -11.56 5.41 1.60
CA LEU A 431 -10.91 4.10 1.63
C LEU A 431 -10.43 3.80 3.04
N TYR A 432 -10.78 2.63 3.57
CA TYR A 432 -10.31 2.24 4.89
C TYR A 432 -9.48 0.99 4.85
N PHE A 433 -8.50 0.90 5.74
CA PHE A 433 -7.52 -0.18 5.68
C PHE A 433 -7.24 -0.76 7.07
N ASP A 434 -7.16 -2.08 7.14
CA ASP A 434 -6.63 -2.78 8.30
C ASP A 434 -5.33 -3.42 7.85
N ALA A 435 -4.27 -3.26 8.64
CA ALA A 435 -2.98 -3.88 8.34
C ALA A 435 -2.91 -5.33 8.77
N LEU A 436 -3.26 -5.60 10.02
CA LEU A 436 -3.28 -6.97 10.55
C LEU A 436 -4.71 -7.48 10.80
N GLU A 437 -5.47 -7.70 9.72
CA GLU A 437 -6.87 -8.09 9.83
C GLU A 437 -7.07 -9.54 10.31
N GLU B 59 3.18 -10.22 29.78
CA GLU B 59 1.76 -10.44 29.47
C GLU B 59 1.13 -9.29 28.67
N GLY B 60 1.74 -8.99 27.52
CA GLY B 60 1.13 -8.09 26.56
C GLY B 60 -0.15 -8.71 26.07
N LEU B 61 -1.26 -7.99 26.23
CA LEU B 61 -2.52 -8.42 25.63
C LEU B 61 -2.39 -8.42 24.08
N TYR B 62 -3.32 -9.05 23.38
CA TYR B 62 -3.21 -9.29 21.93
C TYR B 62 -2.97 -8.11 20.98
N SER B 63 -3.68 -7.00 21.20
CA SER B 63 -3.56 -5.90 20.25
C SER B 63 -2.30 -5.08 20.54
N ARG B 64 -1.91 -5.00 21.81
CA ARG B 64 -0.57 -4.55 22.19
C ARG B 64 0.54 -5.36 21.50
N GLN B 65 0.31 -6.67 21.34
CA GLN B 65 1.26 -7.55 20.66
C GLN B 65 1.39 -7.18 19.17
N LEU B 66 0.27 -6.85 18.53
CA LEU B 66 0.28 -6.43 17.13
C LEU B 66 1.12 -5.16 16.98
N TYR B 67 0.97 -4.24 17.93
CA TYR B 67 1.76 -3.00 17.91
C TYR B 67 3.25 -3.26 18.04
N VAL B 68 3.61 -4.19 18.92
CA VAL B 68 5.02 -4.52 19.16
C VAL B 68 5.68 -5.09 17.90
N LEU B 69 4.93 -5.94 17.19
CA LEU B 69 5.41 -6.52 15.94
C LEU B 69 5.63 -5.39 14.94
N GLY B 70 4.73 -4.41 14.98
CA GLY B 70 4.75 -3.27 14.10
C GLY B 70 5.98 -2.39 14.26
N HIS B 71 6.62 -2.46 15.42
CA HIS B 71 7.75 -1.59 15.69
C HIS B 71 7.36 -0.43 16.61
N GLU B 72 6.21 -0.57 17.26
CA GLU B 72 5.69 0.47 18.13
C GLU B 72 6.69 0.75 19.24
N ALA B 73 7.29 -0.29 19.81
CA ALA B 73 8.36 -0.10 20.77
C ALA B 73 9.62 -0.77 20.23
N MET B 74 10.67 0.02 20.02
CA MET B 74 11.92 -0.50 19.51
C MET B 74 12.92 -0.78 20.62
N LYS B 75 12.54 -0.44 21.85
CA LYS B 75 13.37 -0.62 23.01
C LYS B 75 13.52 -2.08 23.40
N ARG B 76 12.43 -2.83 23.27
CA ARG B 76 12.38 -4.21 23.73
C ARG B 76 13.27 -5.08 22.83
N LEU B 77 13.62 -6.27 23.30
CA LEU B 77 14.65 -7.07 22.63
C LEU B 77 14.26 -7.55 21.23
N GLN B 78 15.27 -7.57 20.35
CA GLN B 78 15.11 -7.89 18.93
C GLN B 78 15.98 -9.08 18.55
N THR B 79 15.37 -10.03 17.84
CA THR B 79 15.99 -11.34 17.66
C THR B 79 16.45 -11.61 16.24
N SER B 80 15.77 -11.03 15.26
CA SER B 80 16.02 -11.34 13.86
C SER B 80 16.88 -10.31 13.11
N SER B 81 17.94 -10.76 12.44
CA SER B 81 18.68 -9.88 11.55
C SER B 81 18.20 -10.09 10.11
N VAL B 82 18.18 -9.00 9.34
CA VAL B 82 17.59 -9.01 8.01
C VAL B 82 18.61 -8.64 6.90
N LEU B 83 18.52 -9.32 5.77
CA LEU B 83 19.22 -8.94 4.56
C LEU B 83 18.22 -8.27 3.63
N VAL B 84 18.48 -7.04 3.21
CA VAL B 84 17.76 -6.45 2.09
C VAL B 84 18.71 -6.40 0.90
N SER B 85 18.42 -7.15 -0.15
CA SER B 85 19.30 -7.13 -1.32
C SER B 85 18.66 -6.32 -2.43
N GLY B 86 19.47 -5.54 -3.14
CA GLY B 86 18.95 -4.63 -4.14
C GLY B 86 18.58 -3.29 -3.54
N LEU B 87 19.40 -2.29 -3.80
CA LEU B 87 19.29 -0.96 -3.21
C LEU B 87 18.65 0.10 -4.08
N ARG B 88 17.87 -0.35 -5.06
CA ARG B 88 17.14 0.54 -5.94
C ARG B 88 16.00 1.07 -5.08
N GLY B 89 15.14 1.92 -5.64
CA GLY B 89 14.18 2.62 -4.82
C GLY B 89 13.27 1.73 -3.99
N LEU B 90 12.82 0.61 -4.55
CA LEU B 90 11.98 -0.29 -3.78
C LEU B 90 12.73 -0.86 -2.57
N GLY B 91 13.99 -1.24 -2.77
CA GLY B 91 14.82 -1.78 -1.71
C GLY B 91 15.15 -0.82 -0.57
N VAL B 92 15.45 0.42 -0.93
CA VAL B 92 15.81 1.45 0.03
C VAL B 92 14.57 1.82 0.82
N GLU B 93 13.41 1.67 0.20
CA GLU B 93 12.15 1.99 0.86
C GLU B 93 11.87 0.99 1.96
N ILE B 94 12.01 -0.29 1.60
CA ILE B 94 11.82 -1.38 2.54
C ILE B 94 12.83 -1.25 3.67
N ALA B 95 14.07 -0.93 3.32
CA ALA B 95 15.13 -0.83 4.31
C ALA B 95 14.84 0.25 5.32
N LYS B 96 14.42 1.40 4.81
CA LYS B 96 14.19 2.56 5.63
C LYS B 96 13.05 2.27 6.59
N ASN B 97 12.02 1.58 6.09
CA ASN B 97 10.86 1.21 6.90
C ASN B 97 11.19 0.22 8.00
N ILE B 98 12.11 -0.69 7.68
CA ILE B 98 12.49 -1.81 8.55
C ILE B 98 13.42 -1.29 9.65
N ILE B 99 14.18 -0.26 9.32
CA ILE B 99 15.09 0.35 10.27
C ILE B 99 14.33 1.25 11.24
N LEU B 100 13.41 2.08 10.74
CA LEU B 100 12.54 2.86 11.63
C LEU B 100 11.76 1.90 12.50
N GLY B 101 11.48 0.72 11.94
CA GLY B 101 10.76 -0.32 12.63
C GLY B 101 11.52 -1.00 13.75
N GLY B 102 12.83 -0.96 13.66
CA GLY B 102 13.64 -1.36 14.79
C GLY B 102 13.91 -2.83 14.89
N VAL B 103 14.08 -3.50 13.76
CA VAL B 103 14.63 -4.84 13.75
C VAL B 103 16.05 -4.87 14.33
N LYS B 104 16.51 -6.06 14.67
CA LYS B 104 17.78 -6.23 15.35
C LYS B 104 18.96 -5.70 14.56
N ALA B 105 18.98 -5.99 13.26
CA ALA B 105 20.08 -5.58 12.42
C ALA B 105 19.71 -5.68 10.96
N VAL B 106 20.14 -4.69 10.20
CA VAL B 106 19.96 -4.72 8.76
C VAL B 106 21.31 -4.78 8.05
N THR B 107 21.39 -5.65 7.05
CA THR B 107 22.52 -5.67 6.13
C THR B 107 22.02 -5.35 4.72
N LEU B 108 22.61 -4.36 4.08
CA LEU B 108 22.24 -3.96 2.72
C LEU B 108 23.13 -4.62 1.69
N HIS B 109 22.52 -5.32 0.74
CA HIS B 109 23.30 -5.94 -0.31
C HIS B 109 22.99 -5.34 -1.67
N ASP B 110 24.04 -5.01 -2.41
CA ASP B 110 23.86 -4.63 -3.79
C ASP B 110 25.22 -4.81 -4.42
N GLN B 111 25.23 -5.52 -5.54
CA GLN B 111 26.46 -5.64 -6.33
C GLN B 111 26.53 -4.56 -7.41
N GLY B 112 25.40 -3.88 -7.66
CA GLY B 112 25.28 -2.98 -8.78
C GLY B 112 25.52 -1.51 -8.50
N THR B 113 25.91 -0.77 -9.53
CA THR B 113 26.23 0.64 -9.36
C THR B 113 25.05 1.56 -9.64
N ALA B 114 25.02 2.70 -8.97
CA ALA B 114 23.91 3.63 -9.14
C ALA B 114 23.82 4.09 -10.60
N GLN B 115 22.66 3.87 -11.21
CA GLN B 115 22.43 4.23 -12.60
C GLN B 115 21.59 5.47 -12.72
N TRP B 116 21.45 5.99 -13.93
CA TRP B 116 20.65 7.19 -14.15
C TRP B 116 19.19 6.90 -13.76
N ALA B 117 18.68 5.76 -14.21
CA ALA B 117 17.29 5.41 -13.97
C ALA B 117 16.97 5.09 -12.51
N ASP B 118 18.01 4.93 -11.69
CA ASP B 118 17.80 4.59 -10.29
C ASP B 118 17.40 5.83 -9.49
N LEU B 119 17.76 7.00 -10.00
CA LEU B 119 17.76 8.22 -9.20
C LEU B 119 16.38 8.78 -8.82
N SER B 120 15.38 8.62 -9.67
CA SER B 120 14.07 9.21 -9.38
C SER B 120 13.48 8.63 -8.10
N SER B 121 13.60 7.31 -7.96
CA SER B 121 13.26 6.62 -6.73
C SER B 121 14.58 6.57 -5.99
N GLN B 122 14.68 5.80 -4.92
CA GLN B 122 15.97 5.72 -4.25
C GLN B 122 16.43 7.13 -3.90
N PHE B 123 15.72 7.75 -2.97
CA PHE B 123 15.89 9.15 -2.60
C PHE B 123 17.31 9.49 -2.16
N TYR B 124 17.97 8.58 -1.48
CA TYR B 124 19.34 8.84 -1.02
C TYR B 124 20.30 9.12 -2.18
N LEU B 125 20.17 8.39 -3.28
CA LEU B 125 21.04 8.58 -4.44
C LEU B 125 20.82 9.91 -5.17
N ARG B 126 21.92 10.55 -5.57
CA ARG B 126 21.90 11.78 -6.35
C ARG B 126 22.76 11.59 -7.59
N GLU B 127 23.03 12.69 -8.29
CA GLU B 127 23.77 12.61 -9.55
C GLU B 127 25.22 12.37 -9.30
N GLU B 128 25.74 13.02 -8.26
CA GLU B 128 27.10 12.76 -7.75
C GLU B 128 27.38 11.27 -7.51
N ASP B 129 26.38 10.51 -7.06
CA ASP B 129 26.57 9.09 -6.72
C ASP B 129 26.64 8.11 -7.90
N ILE B 130 26.26 8.54 -9.10
CA ILE B 130 26.32 7.68 -10.29
C ILE B 130 27.64 6.94 -10.41
N GLY B 131 27.57 5.61 -10.50
CA GLY B 131 28.77 4.79 -10.57
C GLY B 131 29.27 4.25 -9.26
N LYS B 132 28.99 4.93 -8.15
CA LYS B 132 29.24 4.35 -6.83
C LYS B 132 28.23 3.23 -6.50
N ASN B 133 28.70 2.20 -5.80
CA ASN B 133 27.85 1.05 -5.44
C ASN B 133 26.58 1.44 -4.63
N ARG B 134 25.45 0.91 -5.06
CA ARG B 134 24.17 1.34 -4.48
C ARG B 134 24.06 1.07 -2.98
N ALA B 135 24.60 -0.05 -2.54
CA ALA B 135 24.46 -0.40 -1.13
C ALA B 135 25.32 0.52 -0.28
N GLU B 136 26.56 0.71 -0.70
CA GLU B 136 27.50 1.58 0.03
C GLU B 136 27.12 3.07 0.07
N VAL B 137 26.56 3.61 -1.02
CA VAL B 137 26.07 4.99 -1.00
C VAL B 137 24.88 5.13 -0.07
N SER B 138 24.01 4.13 -0.09
CA SER B 138 22.75 4.18 0.65
C SER B 138 22.97 4.12 2.20
N GLN B 139 24.02 3.40 2.55
CA GLN B 139 24.30 3.00 3.93
C GLN B 139 24.49 4.07 5.03
N PRO B 140 25.33 5.11 4.83
CA PRO B 140 25.46 6.08 5.94
C PRO B 140 24.15 6.78 6.26
N ARG B 141 23.34 7.05 5.24
CA ARG B 141 22.10 7.80 5.43
C ARG B 141 21.10 6.91 6.13
N LEU B 142 20.96 5.69 5.63
CA LEU B 142 20.15 4.65 6.30
C LEU B 142 20.57 4.45 7.74
N ALA B 143 21.87 4.54 8.02
CA ALA B 143 22.39 4.36 9.37
C ALA B 143 21.98 5.46 10.35
N GLU B 144 21.61 6.62 9.83
CA GLU B 144 21.23 7.73 10.69
C GLU B 144 19.80 7.60 11.24
N LEU B 145 18.98 6.79 10.57
CA LEU B 145 17.58 6.65 10.92
C LEU B 145 17.26 6.12 12.32
N ASN B 146 18.14 5.30 12.87
CA ASN B 146 17.85 4.67 14.16
C ASN B 146 19.14 4.20 14.81
N SER B 147 19.51 4.83 15.92
CA SER B 147 20.78 4.52 16.57
C SER B 147 20.81 3.11 17.20
N TYR B 148 19.63 2.56 17.44
CA TYR B 148 19.53 1.20 17.97
C TYR B 148 19.80 0.10 16.93
N VAL B 149 19.70 0.43 15.64
CA VAL B 149 19.80 -0.56 14.55
C VAL B 149 21.10 -0.44 13.73
N PRO B 150 22.01 -1.42 13.90
CA PRO B 150 23.25 -1.50 13.12
C PRO B 150 22.98 -1.70 11.62
N VAL B 151 23.51 -0.83 10.78
CA VAL B 151 23.33 -0.96 9.33
C VAL B 151 24.68 -1.06 8.64
N THR B 152 24.85 -2.05 7.78
CA THR B 152 26.13 -2.23 7.12
C THR B 152 25.89 -2.70 5.70
N ALA B 153 26.86 -2.44 4.82
CA ALA B 153 26.73 -2.81 3.42
C ALA B 153 27.59 -4.03 3.07
N TYR B 154 27.09 -4.84 2.15
CA TYR B 154 27.86 -5.96 1.63
C TYR B 154 27.70 -5.98 0.12
N THR B 155 28.81 -6.12 -0.60
CA THR B 155 28.82 -5.90 -2.05
C THR B 155 29.24 -7.14 -2.79
N GLY B 156 29.49 -8.20 -2.03
CA GLY B 156 29.83 -9.50 -2.59
C GLY B 156 28.61 -10.30 -3.01
N PRO B 157 28.85 -11.48 -3.59
CA PRO B 157 27.77 -12.36 -4.06
C PRO B 157 27.03 -13.03 -2.90
N LEU B 158 25.83 -13.53 -3.19
CA LEU B 158 24.99 -14.16 -2.17
C LEU B 158 25.35 -15.62 -2.02
N VAL B 159 26.46 -15.87 -1.34
CA VAL B 159 26.95 -17.22 -1.02
C VAL B 159 26.28 -17.78 0.24
N GLU B 160 26.35 -19.09 0.41
CA GLU B 160 25.71 -19.75 1.54
C GLU B 160 26.25 -19.29 2.90
N ASP B 161 27.53 -18.96 2.98
CA ASP B 161 28.09 -18.53 4.26
C ASP B 161 27.51 -17.18 4.65
N PHE B 162 27.35 -16.31 3.66
CA PHE B 162 26.85 -14.96 3.90
C PHE B 162 25.39 -15.06 4.35
N LEU B 163 24.59 -15.74 3.54
CA LEU B 163 23.17 -15.97 3.79
C LEU B 163 22.87 -16.59 5.15
N SER B 164 23.68 -17.57 5.57
CA SER B 164 23.30 -18.42 6.72
C SER B 164 23.05 -17.64 8.01
N GLY B 165 23.78 -16.56 8.23
CA GLY B 165 23.59 -15.73 9.41
C GLY B 165 22.25 -15.02 9.58
N PHE B 166 21.47 -14.90 8.50
CA PHE B 166 20.22 -14.15 8.56
C PHE B 166 18.99 -14.95 8.98
N GLN B 167 18.08 -14.30 9.71
CA GLN B 167 16.77 -14.89 10.01
C GLN B 167 15.78 -14.57 8.91
N VAL B 168 15.92 -13.38 8.33
CA VAL B 168 15.05 -12.93 7.24
C VAL B 168 15.84 -12.32 6.08
N VAL B 169 15.55 -12.77 4.86
CA VAL B 169 16.19 -12.25 3.67
C VAL B 169 15.16 -11.61 2.75
N VAL B 170 15.39 -10.36 2.33
CA VAL B 170 14.51 -9.67 1.38
C VAL B 170 15.19 -9.50 0.01
N LEU B 171 14.52 -9.96 -1.04
CA LEU B 171 15.05 -9.77 -2.39
C LEU B 171 14.29 -8.75 -3.26
N THR B 172 14.96 -7.64 -3.58
CA THR B 172 14.50 -6.76 -4.66
C THR B 172 15.53 -6.84 -5.79
N ASN B 173 15.15 -6.44 -7.01
CA ASN B 173 16.10 -6.26 -8.09
C ASN B 173 16.94 -7.50 -8.42
N THR B 174 16.39 -8.68 -8.14
CA THR B 174 17.13 -9.93 -8.31
C THR B 174 16.62 -10.72 -9.50
N PRO B 175 17.53 -11.15 -10.40
CA PRO B 175 17.12 -11.98 -11.54
C PRO B 175 16.45 -13.24 -11.04
N LEU B 176 15.57 -13.81 -11.84
CA LEU B 176 14.78 -14.93 -11.38
C LEU B 176 15.63 -16.14 -10.98
N GLU B 177 16.64 -16.45 -11.79
CA GLU B 177 17.43 -17.65 -11.56
C GLU B 177 18.17 -17.54 -10.23
N ASP B 178 18.52 -16.32 -9.86
CA ASP B 178 19.11 -16.05 -8.55
C ASP B 178 18.06 -16.09 -7.43
N GLN B 179 16.83 -15.69 -7.73
CA GLN B 179 15.77 -15.74 -6.74
C GLN B 179 15.53 -17.18 -6.34
N LEU B 180 15.49 -18.08 -7.33
CA LEU B 180 15.22 -19.50 -7.07
C LEU B 180 16.37 -20.22 -6.35
N ARG B 181 17.60 -19.89 -6.70
CA ARG B 181 18.74 -20.52 -6.04
C ARG B 181 18.78 -20.10 -4.58
N VAL B 182 18.60 -18.81 -4.34
CA VAL B 182 18.58 -18.25 -2.99
C VAL B 182 17.38 -18.77 -2.17
N GLY B 183 16.25 -19.00 -2.84
CA GLY B 183 15.04 -19.41 -2.15
C GLY B 183 15.02 -20.88 -1.78
N GLU B 184 15.71 -21.69 -2.58
CA GLU B 184 15.92 -23.09 -2.28
C GLU B 184 16.76 -23.15 -1.01
N PHE B 185 17.76 -22.27 -0.93
CA PHE B 185 18.65 -22.26 0.23
C PHE B 185 17.96 -21.82 1.51
N CYS B 186 17.23 -20.70 1.43
CA CYS B 186 16.56 -20.16 2.61
C CYS B 186 15.51 -21.12 3.13
N HIS B 187 14.81 -21.79 2.22
CA HIS B 187 13.81 -22.76 2.64
C HIS B 187 14.45 -23.94 3.38
N ASN B 188 15.60 -24.40 2.90
CA ASN B 188 16.29 -25.51 3.54
C ASN B 188 16.85 -25.16 4.91
N ARG B 189 17.22 -23.90 5.09
CA ARG B 189 17.77 -23.45 6.37
C ARG B 189 16.71 -22.90 7.33
N GLY B 190 15.48 -22.73 6.86
CA GLY B 190 14.47 -22.06 7.65
C GLY B 190 14.64 -20.55 7.80
N ILE B 191 15.33 -19.94 6.84
CA ILE B 191 15.46 -18.50 6.75
C ILE B 191 14.21 -18.05 6.02
N LYS B 192 13.52 -17.05 6.57
CA LYS B 192 12.27 -16.58 5.98
C LYS B 192 12.52 -15.63 4.81
N LEU B 193 11.86 -15.87 3.69
CA LEU B 193 12.11 -15.12 2.45
C LEU B 193 10.96 -14.19 2.04
N VAL B 194 11.28 -12.96 1.66
CA VAL B 194 10.32 -12.05 1.01
C VAL B 194 10.84 -11.53 -0.34
N VAL B 195 10.08 -11.73 -1.41
CA VAL B 195 10.46 -11.22 -2.72
C VAL B 195 9.52 -10.09 -3.15
N ALA B 196 10.08 -8.94 -3.48
CA ALA B 196 9.28 -7.78 -3.79
C ALA B 196 9.72 -7.14 -5.09
N ASP B 197 8.75 -6.84 -5.96
CA ASP B 197 9.07 -6.24 -7.24
C ASP B 197 8.10 -5.16 -7.75
N THR B 198 8.63 -4.27 -8.57
CA THR B 198 7.83 -3.26 -9.25
C THR B 198 8.19 -3.23 -10.73
N ARG B 199 7.18 -3.32 -11.57
CA ARG B 199 7.34 -3.09 -13.00
C ARG B 199 6.37 -2.00 -13.37
N GLY B 200 6.85 -0.76 -13.40
CA GLY B 200 6.00 0.39 -13.57
C GLY B 200 4.82 0.47 -12.61
N LEU B 201 3.60 0.29 -13.13
CA LEU B 201 2.37 0.35 -12.31
C LEU B 201 2.03 -0.97 -11.64
N PHE B 202 2.69 -2.04 -12.05
CA PHE B 202 2.44 -3.35 -11.46
C PHE B 202 3.41 -3.66 -10.33
N GLY B 203 2.85 -4.19 -9.24
CA GLY B 203 3.65 -4.66 -8.11
C GLY B 203 3.51 -6.16 -7.89
N GLN B 204 4.57 -6.78 -7.39
CA GLN B 204 4.56 -8.21 -7.06
C GLN B 204 5.14 -8.46 -5.68
N LEU B 205 4.46 -9.29 -4.89
CA LEU B 205 4.87 -9.54 -3.52
C LEU B 205 4.78 -11.04 -3.20
N PHE B 206 5.86 -11.59 -2.64
CA PHE B 206 5.93 -13.01 -2.31
C PHE B 206 6.51 -13.26 -0.93
N CYS B 207 5.94 -14.25 -0.23
CA CYS B 207 6.43 -14.61 1.09
C CYS B 207 6.58 -16.12 1.29
N ASP B 208 7.75 -16.55 1.76
CA ASP B 208 7.94 -17.93 2.24
C ASP B 208 8.48 -17.90 3.66
N PHE B 209 7.61 -18.21 4.61
CA PHE B 209 7.99 -18.13 6.03
C PHE B 209 8.26 -19.53 6.56
N GLY B 210 8.46 -20.48 5.65
CA GLY B 210 8.82 -21.82 6.06
C GLY B 210 7.60 -22.65 6.44
N GLU B 211 7.77 -23.95 6.35
CA GLU B 211 6.73 -24.90 6.78
C GLU B 211 6.60 -24.87 8.30
N GLU B 212 7.39 -24.00 8.91
CA GLU B 212 7.49 -23.86 10.35
C GLU B 212 6.61 -22.73 10.84
N MET B 213 5.76 -22.19 9.98
CA MET B 213 5.05 -20.99 10.41
C MET B 213 3.74 -21.23 11.16
N ILE B 214 3.66 -20.59 12.32
CA ILE B 214 2.51 -20.70 13.21
C ILE B 214 1.86 -19.35 13.31
N LEU B 215 0.53 -19.31 13.16
CA LEU B 215 -0.14 -18.03 13.27
C LEU B 215 -1.56 -18.15 13.74
N THR B 216 -2.05 -17.09 14.35
CA THR B 216 -3.37 -17.09 14.95
C THR B 216 -4.44 -16.64 13.93
N ASP B 217 -5.65 -17.18 14.05
CA ASP B 217 -6.73 -16.83 13.13
C ASP B 217 -8.13 -17.07 13.69
N SER B 218 -9.13 -16.42 13.09
CA SER B 218 -10.53 -16.57 13.48
C SER B 218 -10.98 -18.00 13.23
N GLN B 222 -21.11 -18.14 16.03
CA GLN B 222 -20.19 -19.17 15.52
C GLN B 222 -18.81 -19.31 16.22
N PRO B 223 -18.35 -18.28 16.97
CA PRO B 223 -17.14 -18.59 17.77
C PRO B 223 -17.43 -19.38 19.06
N LEU B 224 -16.56 -20.35 19.36
CA LEU B 224 -16.64 -21.18 20.56
C LEU B 224 -16.85 -20.34 21.83
N SER B 225 -17.84 -20.71 22.62
CA SER B 225 -18.11 -19.98 23.84
C SER B 225 -18.27 -20.92 25.02
N ALA B 226 -18.06 -20.39 26.23
CA ALA B 226 -18.20 -21.19 27.43
C ALA B 226 -18.52 -20.30 28.63
N MET B 227 -19.14 -20.89 29.65
CA MET B 227 -19.52 -20.10 30.80
C MET B 227 -18.44 -20.20 31.85
N VAL B 228 -18.27 -19.13 32.60
CA VAL B 228 -17.21 -19.07 33.59
C VAL B 228 -17.73 -19.35 34.98
N SER B 229 -17.06 -20.28 35.67
CA SER B 229 -17.44 -20.65 37.03
C SER B 229 -16.62 -19.90 38.07
N MET B 230 -15.36 -19.62 37.76
CA MET B 230 -14.54 -18.83 38.66
C MET B 230 -13.38 -18.16 37.94
N VAL B 231 -12.99 -17.00 38.46
CA VAL B 231 -11.71 -16.41 38.07
C VAL B 231 -10.94 -16.01 39.31
N THR B 232 -9.75 -16.59 39.48
CA THR B 232 -8.92 -16.20 40.62
C THR B 232 -8.35 -14.83 40.38
N LYS B 233 -8.01 -14.17 41.47
CA LYS B 233 -7.35 -12.88 41.45
C LYS B 233 -5.90 -13.18 41.80
N ASP B 234 -5.03 -13.21 40.78
CA ASP B 234 -3.70 -13.74 40.97
C ASP B 234 -2.83 -13.42 39.75
N ASN B 235 -1.55 -13.72 39.85
CA ASN B 235 -0.62 -13.52 38.75
C ASN B 235 0.06 -14.84 38.35
N PRO B 236 -0.45 -15.49 37.31
CA PRO B 236 -1.58 -15.10 36.46
C PRO B 236 -2.92 -15.44 37.12
N GLY B 237 -4.01 -14.92 36.59
CA GLY B 237 -5.32 -15.29 37.10
C GLY B 237 -5.67 -16.62 36.47
N VAL B 238 -6.51 -17.40 37.14
CA VAL B 238 -6.91 -18.71 36.60
C VAL B 238 -8.43 -18.81 36.50
N VAL B 239 -8.91 -19.34 35.37
CA VAL B 239 -10.34 -19.46 35.12
C VAL B 239 -10.83 -20.90 35.36
N THR B 240 -11.96 -21.07 36.02
CA THR B 240 -12.58 -22.40 36.13
C THR B 240 -13.80 -22.46 35.21
N CYS B 241 -13.89 -23.53 34.41
CA CYS B 241 -14.93 -23.64 33.38
C CYS B 241 -15.44 -25.09 33.21
N LEU B 242 -16.76 -25.26 33.36
CA LEU B 242 -17.41 -26.59 33.42
C LEU B 242 -18.09 -27.01 32.13
N ASP B 243 -18.22 -26.07 31.19
CA ASP B 243 -18.90 -26.27 29.92
C ASP B 243 -18.33 -27.46 29.15
N GLU B 244 -19.14 -28.11 28.33
CA GLU B 244 -18.62 -29.20 27.51
C GLU B 244 -17.77 -28.58 26.41
N ALA B 245 -18.09 -27.32 26.10
CA ALA B 245 -17.33 -26.52 25.14
C ALA B 245 -15.87 -26.34 25.57
N ARG B 246 -15.63 -26.43 26.89
CA ARG B 246 -14.30 -26.23 27.47
C ARG B 246 -13.20 -27.04 26.80
N HIS B 247 -13.60 -28.07 26.07
CA HIS B 247 -12.65 -28.98 25.46
C HIS B 247 -11.98 -28.38 24.23
N GLY B 248 -12.69 -27.49 23.56
CA GLY B 248 -12.18 -26.83 22.38
C GLY B 248 -11.04 -25.85 22.62
N PHE B 249 -10.99 -25.29 23.82
CA PHE B 249 -9.97 -24.30 24.17
C PHE B 249 -8.61 -24.96 24.39
N GLU B 250 -7.59 -24.52 23.65
CA GLU B 250 -6.23 -25.02 23.86
C GLU B 250 -5.25 -23.91 24.25
N SER B 251 -4.12 -24.29 24.84
CA SER B 251 -3.08 -23.33 25.21
C SER B 251 -2.64 -22.55 24.00
N GLY B 252 -2.61 -21.23 24.13
CA GLY B 252 -2.24 -20.37 23.01
C GLY B 252 -3.41 -19.81 22.24
N ASP B 253 -4.62 -20.31 22.51
CA ASP B 253 -5.84 -19.67 22.02
C ASP B 253 -5.85 -18.25 22.57
N PHE B 254 -6.42 -17.30 21.84
CA PHE B 254 -6.65 -15.99 22.43
C PHE B 254 -8.12 -15.88 22.75
N VAL B 255 -8.38 -15.26 23.90
CA VAL B 255 -9.68 -15.37 24.52
C VAL B 255 -10.19 -14.01 24.98
N SER B 256 -11.50 -13.80 25.02
CA SER B 256 -12.04 -12.57 25.60
C SER B 256 -13.31 -12.81 26.42
N PHE B 257 -13.69 -11.83 27.24
CA PHE B 257 -14.85 -11.98 28.13
C PHE B 257 -15.95 -10.92 27.99
N SER B 258 -17.17 -11.35 28.23
CA SER B 258 -18.25 -10.40 28.54
C SER B 258 -19.06 -10.96 29.70
N GLU B 259 -19.88 -10.09 30.29
CA GLU B 259 -20.85 -10.47 31.34
C GLU B 259 -20.23 -10.93 32.67
N VAL B 260 -18.95 -10.63 32.88
CA VAL B 260 -18.28 -10.99 34.12
C VAL B 260 -18.65 -10.02 35.25
N GLN B 261 -19.01 -10.57 36.40
CA GLN B 261 -19.40 -9.76 37.55
C GLN B 261 -18.32 -9.73 38.62
N GLY B 262 -18.12 -8.56 39.22
CA GLY B 262 -17.07 -8.40 40.20
C GLY B 262 -15.77 -8.00 39.54
N MET B 263 -15.18 -8.94 38.81
CA MET B 263 -13.93 -8.66 38.12
C MET B 263 -14.24 -8.04 36.75
N VAL B 264 -14.90 -6.89 36.79
CA VAL B 264 -15.38 -6.24 35.58
C VAL B 264 -14.30 -5.87 34.56
N GLU B 265 -13.09 -5.62 35.04
CA GLU B 265 -11.97 -5.28 34.16
C GLU B 265 -11.69 -6.29 33.05
N LEU B 266 -12.23 -7.49 33.21
CA LEU B 266 -12.10 -8.58 32.23
C LEU B 266 -12.97 -8.41 31.01
N ASN B 267 -14.08 -7.69 31.13
CA ASN B 267 -14.99 -7.48 30.00
C ASN B 267 -14.46 -6.49 28.96
N GLY B 268 -13.80 -5.46 29.44
CA GLY B 268 -13.19 -4.52 28.51
C GLY B 268 -12.04 -5.04 27.67
N ASN B 269 -11.22 -5.94 28.23
CA ASN B 269 -9.83 -6.13 27.79
C ASN B 269 -9.57 -6.69 26.39
N GLN B 270 -8.36 -6.43 25.89
CA GLN B 270 -7.88 -7.02 24.64
C GLN B 270 -7.78 -8.53 24.83
N PRO B 271 -8.02 -9.31 23.76
CA PRO B 271 -7.97 -10.77 23.89
C PRO B 271 -6.65 -11.22 24.51
N MET B 272 -6.71 -12.09 25.53
CA MET B 272 -5.51 -12.53 26.21
C MET B 272 -5.21 -13.99 25.86
N GLU B 273 -3.93 -14.35 25.94
CA GLU B 273 -3.48 -15.70 25.64
C GLU B 273 -3.79 -16.65 26.79
N ILE B 274 -4.15 -17.87 26.45
CA ILE B 274 -4.66 -18.85 27.41
C ILE B 274 -3.62 -19.94 27.58
N LYS B 275 -3.34 -20.30 28.83
CA LYS B 275 -2.59 -21.52 29.12
C LYS B 275 -3.50 -22.48 29.91
N VAL B 276 -3.67 -23.70 29.39
CA VAL B 276 -4.55 -24.69 30.01
C VAL B 276 -3.81 -25.50 31.09
N LEU B 277 -4.47 -25.70 32.24
CA LEU B 277 -3.83 -26.34 33.39
C LEU B 277 -4.44 -27.69 33.74
N GLY B 278 -5.68 -27.88 33.32
CA GLY B 278 -6.39 -29.11 33.59
C GLY B 278 -7.65 -29.15 32.78
N PRO B 279 -8.53 -30.13 33.05
CA PRO B 279 -9.81 -30.25 32.34
C PRO B 279 -10.78 -29.13 32.68
N TYR B 280 -10.63 -28.49 33.83
CA TYR B 280 -11.59 -27.46 34.21
C TYR B 280 -11.01 -26.05 34.33
N THR B 281 -9.71 -25.90 34.06
CA THR B 281 -9.03 -24.63 34.34
C THR B 281 -8.04 -24.22 33.29
N PHE B 282 -7.78 -22.92 33.21
CA PHE B 282 -6.77 -22.36 32.33
C PHE B 282 -6.30 -21.01 32.89
N SER B 283 -5.12 -20.57 32.49
CA SER B 283 -4.57 -19.33 33.03
C SER B 283 -4.57 -18.17 32.03
N ILE B 284 -5.16 -17.06 32.45
CA ILE B 284 -5.23 -15.84 31.67
C ILE B 284 -4.16 -14.83 32.09
N CYS B 285 -4.39 -13.57 31.73
CA CYS B 285 -3.51 -12.48 32.09
C CYS B 285 -3.60 -12.23 33.59
N ASP B 286 -2.57 -11.60 34.15
CA ASP B 286 -2.58 -11.35 35.59
C ASP B 286 -3.77 -10.47 35.98
N THR B 287 -4.49 -10.91 37.01
CA THR B 287 -5.66 -10.20 37.52
C THR B 287 -5.44 -9.74 38.95
N SER B 288 -4.18 -9.74 39.37
CA SER B 288 -3.82 -9.45 40.77
C SER B 288 -4.37 -8.13 41.26
N ASN B 289 -4.65 -7.22 40.33
CA ASN B 289 -5.09 -5.87 40.69
C ASN B 289 -6.48 -5.60 40.18
N PHE B 290 -7.22 -6.68 39.94
CA PHE B 290 -8.59 -6.56 39.50
C PHE B 290 -9.50 -6.56 40.71
N SER B 291 -10.81 -6.45 40.47
CA SER B 291 -11.77 -6.55 41.56
C SER B 291 -12.19 -8.02 41.70
N ASP B 292 -12.56 -8.41 42.92
CA ASP B 292 -12.92 -9.80 43.22
C ASP B 292 -13.96 -10.30 42.26
N TYR B 293 -13.75 -11.49 41.70
CA TYR B 293 -14.77 -12.08 40.84
C TYR B 293 -15.95 -12.47 41.70
N ILE B 294 -17.15 -12.14 41.26
CA ILE B 294 -18.33 -12.56 42.01
C ILE B 294 -19.10 -13.75 41.39
N ARG B 295 -19.53 -13.59 40.14
CA ARG B 295 -20.27 -14.67 39.46
C ARG B 295 -20.42 -14.39 37.97
N GLY B 296 -20.90 -15.38 37.23
CA GLY B 296 -21.20 -15.21 35.83
C GLY B 296 -20.04 -14.91 34.90
N GLY B 297 -20.36 -14.64 33.64
CA GLY B 297 -19.35 -14.36 32.64
C GLY B 297 -19.31 -15.35 31.50
N ILE B 298 -18.80 -14.92 30.35
CA ILE B 298 -18.67 -15.77 29.19
C ILE B 298 -17.29 -15.62 28.61
N VAL B 299 -16.58 -16.73 28.49
CA VAL B 299 -15.31 -16.71 27.82
C VAL B 299 -15.50 -17.16 26.37
N SER B 300 -15.07 -16.32 25.44
CA SER B 300 -15.19 -16.60 24.01
C SER B 300 -13.80 -16.76 23.42
N GLN B 301 -13.72 -17.61 22.40
CA GLN B 301 -12.48 -17.86 21.69
C GLN B 301 -12.33 -16.91 20.50
N VAL B 302 -11.42 -15.95 20.61
CA VAL B 302 -11.19 -15.01 19.50
C VAL B 302 -10.25 -15.56 18.42
N LYS B 303 -9.00 -15.80 18.80
CA LYS B 303 -8.00 -16.27 17.86
C LYS B 303 -7.52 -17.67 18.23
N VAL B 304 -7.12 -18.44 17.21
CA VAL B 304 -6.67 -19.83 17.38
C VAL B 304 -5.41 -20.12 16.56
N PRO B 305 -4.37 -20.66 17.20
CA PRO B 305 -3.07 -20.89 16.55
C PRO B 305 -3.12 -22.04 15.57
N LYS B 306 -2.56 -21.85 14.38
CA LYS B 306 -2.46 -22.91 13.37
C LYS B 306 -1.01 -23.04 12.90
N LYS B 307 -0.63 -24.20 12.38
CA LYS B 307 0.69 -24.31 11.75
C LYS B 307 0.48 -24.43 10.26
N ILE B 308 0.91 -23.41 9.51
CA ILE B 308 0.79 -23.45 8.08
C ILE B 308 2.14 -23.73 7.45
N SER B 309 2.13 -24.51 6.38
CA SER B 309 3.35 -24.81 5.64
C SER B 309 3.41 -24.05 4.31
N PHE B 310 4.49 -23.29 4.17
CA PHE B 310 4.69 -22.46 3.00
C PHE B 310 5.53 -23.25 1.99
N LYS B 311 5.10 -23.29 0.73
CA LYS B 311 5.93 -23.82 -0.33
C LYS B 311 7.16 -22.90 -0.53
N SER B 312 8.31 -23.50 -0.81
CA SER B 312 9.48 -22.73 -1.19
C SER B 312 9.16 -22.00 -2.48
N LEU B 313 9.99 -21.03 -2.86
CA LEU B 313 9.73 -20.19 -4.03
C LEU B 313 9.66 -20.98 -5.34
N VAL B 314 10.58 -21.90 -5.51
CA VAL B 314 10.57 -22.81 -6.65
C VAL B 314 9.20 -23.45 -6.86
N ALA B 315 8.74 -24.21 -5.86
CA ALA B 315 7.45 -24.87 -5.90
C ALA B 315 6.30 -23.87 -5.99
N SER B 316 6.43 -22.75 -5.30
CA SER B 316 5.36 -21.79 -5.23
C SER B 316 5.16 -21.08 -6.58
N LEU B 317 6.27 -20.83 -7.29
CA LEU B 317 6.23 -20.29 -8.65
C LEU B 317 5.26 -21.12 -9.50
N ALA B 318 5.35 -22.43 -9.34
CA ALA B 318 4.59 -23.38 -10.15
C ALA B 318 3.14 -23.55 -9.69
N GLU B 319 2.93 -23.60 -8.36
CA GLU B 319 1.58 -23.71 -7.79
C GLU B 319 1.30 -22.58 -6.80
N PRO B 320 1.08 -21.37 -7.31
CA PRO B 320 0.87 -20.18 -6.48
C PRO B 320 -0.46 -20.19 -5.76
N ASP B 321 -0.46 -19.76 -4.49
CA ASP B 321 -1.69 -19.33 -3.82
C ASP B 321 -1.66 -17.80 -3.83
N PHE B 322 -2.72 -17.17 -4.32
CA PHE B 322 -2.77 -15.71 -4.39
C PHE B 322 -3.55 -15.07 -3.24
N VAL B 323 -3.39 -13.77 -3.05
CA VAL B 323 -4.00 -13.05 -1.94
C VAL B 323 -4.81 -11.86 -2.48
N VAL B 324 -5.69 -11.30 -1.63
CA VAL B 324 -6.88 -10.51 -2.01
C VAL B 324 -7.79 -11.51 -2.71
N THR B 325 -7.55 -12.77 -2.36
CA THR B 325 -8.32 -13.94 -2.74
C THR B 325 -8.28 -14.84 -1.49
N ASP B 326 -7.28 -14.59 -0.65
CA ASP B 326 -7.09 -15.29 0.63
C ASP B 326 -6.94 -14.31 1.81
N PHE B 327 -7.97 -13.50 2.09
CA PHE B 327 -7.95 -12.63 3.25
C PHE B 327 -9.37 -12.41 3.78
N PHE B 330 -9.52 -13.15 -9.77
CA PHE B 330 -9.00 -14.51 -9.71
C PHE B 330 -8.01 -14.79 -10.84
N SER B 331 -8.35 -14.33 -12.04
CA SER B 331 -7.55 -14.58 -13.22
C SER B 331 -6.41 -13.58 -13.36
N ARG B 332 -6.70 -12.32 -13.05
CA ARG B 332 -5.72 -11.23 -13.14
C ARG B 332 -4.35 -11.53 -12.51
N PRO B 333 -4.32 -12.04 -11.26
CA PRO B 333 -3.00 -12.31 -10.67
C PRO B 333 -2.28 -13.48 -11.36
N ALA B 334 -3.02 -14.54 -11.65
CA ALA B 334 -2.48 -15.64 -12.41
C ALA B 334 -1.86 -15.11 -13.70
N GLN B 335 -2.58 -14.25 -14.40
CA GLN B 335 -2.07 -13.65 -15.63
C GLN B 335 -0.87 -12.71 -15.45
N LEU B 336 -0.85 -11.97 -14.35
CA LEU B 336 0.32 -11.18 -14.04
C LEU B 336 1.50 -12.09 -13.73
N HIS B 337 1.22 -13.16 -12.98
CA HIS B 337 2.24 -14.13 -12.56
C HIS B 337 2.98 -14.63 -13.78
N ILE B 338 2.21 -14.99 -14.79
CA ILE B 338 2.71 -15.39 -16.08
C ILE B 338 3.51 -14.25 -16.71
N GLY B 339 2.91 -13.09 -16.83
CA GLY B 339 3.58 -11.93 -17.37
C GLY B 339 4.94 -11.67 -16.74
N PHE B 340 4.96 -11.68 -15.40
CA PHE B 340 6.19 -11.46 -14.67
C PHE B 340 7.23 -12.51 -14.99
N GLN B 341 6.79 -13.77 -15.08
CA GLN B 341 7.67 -14.85 -15.51
C GLN B 341 8.19 -14.55 -16.90
N ALA B 342 7.28 -14.19 -17.81
CA ALA B 342 7.62 -13.85 -19.18
C ALA B 342 8.62 -12.70 -19.20
N LEU B 343 8.35 -11.71 -18.36
CA LEU B 343 9.17 -10.53 -18.28
C LEU B 343 10.58 -10.89 -17.84
N HIS B 344 10.70 -11.84 -16.92
CA HIS B 344 12.01 -12.26 -16.46
C HIS B 344 12.79 -12.88 -17.61
N GLN B 345 12.15 -13.80 -18.32
CA GLN B 345 12.76 -14.40 -19.51
C GLN B 345 13.19 -13.35 -20.57
N PHE B 346 12.28 -12.43 -20.89
CA PHE B 346 12.60 -11.34 -21.81
C PHE B 346 13.86 -10.58 -21.37
N CYS B 347 13.98 -10.29 -20.09
CA CYS B 347 15.09 -9.46 -19.61
C CYS B 347 16.39 -10.26 -19.62
N ALA B 348 16.29 -11.54 -19.27
CA ALA B 348 17.47 -12.40 -19.27
C ALA B 348 18.01 -12.56 -20.69
N GLN B 349 17.10 -12.54 -21.67
CA GLN B 349 17.48 -12.68 -23.06
C GLN B 349 18.05 -11.39 -23.65
N HIS B 350 17.32 -10.30 -23.52
CA HIS B 350 17.71 -9.05 -24.16
C HIS B 350 18.61 -8.18 -23.29
N GLY B 351 18.82 -8.60 -22.05
CA GLY B 351 19.60 -7.81 -21.10
C GLY B 351 18.96 -6.47 -20.76
N ARG B 352 17.74 -6.26 -21.20
CA ARG B 352 16.98 -5.05 -20.91
C ARG B 352 15.49 -5.39 -20.92
N PRO B 353 14.66 -4.54 -20.33
CA PRO B 353 13.21 -4.72 -20.37
C PRO B 353 12.65 -4.32 -21.73
N PRO B 354 11.36 -4.57 -21.99
CA PRO B 354 10.71 -4.04 -23.18
C PRO B 354 10.69 -2.50 -23.22
N ARG B 355 11.13 -1.94 -24.36
CA ARG B 355 11.09 -0.51 -24.60
C ARG B 355 9.65 -0.01 -24.65
N PRO B 356 9.39 1.20 -24.10
CA PRO B 356 8.03 1.72 -23.85
C PRO B 356 7.18 2.05 -25.08
N ARG B 357 7.80 2.34 -26.22
CA ARG B 357 7.03 2.72 -27.40
C ARG B 357 7.16 1.65 -28.48
N ASN B 358 7.64 0.49 -28.08
CA ASN B 358 7.99 -0.57 -29.01
C ASN B 358 6.99 -1.72 -29.00
N ASP B 359 6.12 -1.75 -30.01
CA ASP B 359 5.11 -2.80 -30.14
C ASP B 359 5.69 -4.17 -30.48
N GLU B 360 6.92 -4.22 -30.96
CA GLU B 360 7.58 -5.48 -31.28
C GLU B 360 8.08 -6.14 -30.00
N ASP B 361 8.55 -5.32 -29.06
CA ASP B 361 8.93 -5.81 -27.74
C ASP B 361 7.69 -6.37 -27.07
N ALA B 362 6.60 -5.60 -27.12
CA ALA B 362 5.35 -5.98 -26.48
C ALA B 362 4.78 -7.27 -27.04
N ALA B 363 4.91 -7.44 -28.36
CA ALA B 363 4.42 -8.65 -29.00
C ALA B 363 5.30 -9.86 -28.69
N GLU B 364 6.58 -9.61 -28.42
CA GLU B 364 7.45 -10.71 -28.04
C GLU B 364 7.12 -11.21 -26.63
N LEU B 365 6.84 -10.27 -25.72
CA LEU B 365 6.49 -10.64 -24.37
C LEU B 365 5.23 -11.49 -24.40
N VAL B 366 4.32 -11.16 -25.31
CA VAL B 366 3.09 -11.92 -25.44
C VAL B 366 3.38 -13.36 -25.85
N ALA B 367 4.32 -13.51 -26.78
CA ALA B 367 4.77 -14.83 -27.20
C ALA B 367 5.52 -15.62 -26.11
N LEU B 368 6.34 -14.93 -25.32
CA LEU B 368 7.02 -15.52 -24.18
C LEU B 368 5.99 -15.98 -23.17
N ALA B 369 4.99 -15.11 -22.96
CA ALA B 369 3.96 -15.34 -21.96
C ALA B 369 3.02 -16.45 -22.36
N GLN B 370 2.71 -16.50 -23.65
CA GLN B 370 1.83 -17.51 -24.16
C GLN B 370 2.47 -18.89 -23.96
N ALA B 371 3.80 -18.91 -23.99
CA ALA B 371 4.56 -20.15 -23.84
C ALA B 371 4.68 -20.55 -22.37
N VAL B 372 4.77 -19.55 -21.50
CA VAL B 372 4.79 -19.77 -20.06
C VAL B 372 3.44 -20.35 -19.64
N ASN B 373 2.40 -19.87 -20.32
CA ASN B 373 1.05 -20.29 -20.03
C ASN B 373 0.86 -21.75 -20.39
N ALA B 374 1.41 -22.14 -21.52
CA ALA B 374 1.32 -23.51 -22.01
C ALA B 374 1.94 -24.47 -20.99
N ARG B 375 3.15 -24.15 -20.53
CA ARG B 375 3.79 -24.95 -19.50
C ARG B 375 3.07 -24.88 -18.15
N ALA B 376 2.31 -23.83 -17.89
CA ALA B 376 1.68 -23.63 -16.58
C ALA B 376 0.77 -24.76 -16.11
N LEU B 377 0.62 -24.87 -14.79
CA LEU B 377 -0.28 -25.80 -14.13
C LEU B 377 -1.69 -25.19 -14.01
N PRO B 378 -2.72 -26.02 -13.72
CA PRO B 378 -4.09 -25.51 -13.67
C PRO B 378 -4.37 -24.38 -12.67
N ALA B 379 -3.59 -24.31 -11.59
CA ALA B 379 -3.65 -23.14 -10.71
C ALA B 379 -3.46 -21.84 -11.50
N VAL B 380 -2.57 -21.87 -12.49
CA VAL B 380 -2.18 -20.67 -13.21
C VAL B 380 -2.72 -20.59 -14.63
N GLN B 381 -2.58 -21.68 -15.38
CA GLN B 381 -2.87 -21.67 -16.81
C GLN B 381 -4.27 -21.14 -17.15
N GLN B 382 -4.34 -20.40 -18.25
CA GLN B 382 -5.58 -19.79 -18.73
C GLN B 382 -5.94 -20.39 -20.08
N ASN B 383 -7.23 -20.59 -20.33
CA ASN B 383 -7.64 -21.06 -21.67
C ASN B 383 -7.45 -19.95 -22.70
N ASN B 384 -7.67 -18.71 -22.25
CA ASN B 384 -7.56 -17.55 -23.13
C ASN B 384 -6.76 -16.46 -22.43
N LEU B 385 -5.49 -16.32 -22.81
CA LEU B 385 -4.56 -15.39 -22.14
C LEU B 385 -4.86 -13.93 -22.53
N ASP B 386 -5.07 -13.09 -21.53
CA ASP B 386 -5.36 -11.67 -21.75
C ASP B 386 -4.12 -10.95 -22.28
N GLU B 387 -3.98 -10.89 -23.60
CA GLU B 387 -2.77 -10.31 -24.19
C GLU B 387 -2.76 -8.80 -24.10
N ASP B 388 -3.88 -8.20 -23.71
CA ASP B 388 -3.92 -6.78 -23.43
C ASP B 388 -3.10 -6.52 -22.17
N LEU B 389 -3.30 -7.38 -21.18
CA LEU B 389 -2.56 -7.28 -19.93
C LEU B 389 -1.05 -7.46 -20.16
N ILE B 390 -0.68 -8.39 -21.03
CA ILE B 390 0.73 -8.65 -21.30
C ILE B 390 1.33 -7.50 -22.09
N ARG B 391 0.63 -7.05 -23.12
CA ARG B 391 1.10 -5.93 -23.90
C ARG B 391 1.23 -4.70 -23.02
N LYS B 392 0.29 -4.53 -22.08
CA LYS B 392 0.38 -3.39 -21.17
C LYS B 392 1.64 -3.51 -20.33
N LEU B 393 1.86 -4.68 -19.75
CA LEU B 393 3.01 -4.96 -18.89
C LEU B 393 4.35 -4.72 -19.59
N ALA B 394 4.38 -4.93 -20.90
CA ALA B 394 5.57 -4.68 -21.70
C ALA B 394 5.78 -3.19 -21.92
N TYR B 395 4.69 -2.49 -22.22
CA TYR B 395 4.73 -1.05 -22.45
C TYR B 395 5.08 -0.35 -21.17
N VAL B 396 4.93 -1.12 -20.10
CA VAL B 396 4.95 -0.64 -18.74
C VAL B 396 6.30 -0.88 -18.02
N ALA B 397 7.03 -1.91 -18.43
CA ALA B 397 8.14 -2.43 -17.61
C ALA B 397 9.23 -1.42 -17.23
N ALA B 398 9.54 -0.46 -18.12
CA ALA B 398 10.61 0.53 -17.85
C ALA B 398 10.38 1.32 -16.57
N GLY B 399 9.13 1.64 -16.27
CA GLY B 399 8.78 2.52 -15.17
C GLY B 399 9.34 2.20 -13.79
N ASP B 400 9.75 3.24 -13.07
CA ASP B 400 10.23 3.10 -11.70
C ASP B 400 9.61 4.23 -10.84
N LEU B 401 8.37 4.05 -10.45
CA LEU B 401 7.58 5.14 -9.89
C LEU B 401 7.61 5.20 -8.35
N ALA B 402 7.99 6.36 -7.84
CA ALA B 402 8.11 6.62 -6.40
C ALA B 402 6.87 6.26 -5.56
N PRO B 403 5.66 6.70 -5.96
CA PRO B 403 4.52 6.33 -5.10
C PRO B 403 4.28 4.81 -5.07
N ILE B 404 4.52 4.12 -6.19
CA ILE B 404 4.36 2.67 -6.22
C ILE B 404 5.39 1.98 -5.34
N ASN B 405 6.67 2.27 -5.55
CA ASN B 405 7.70 1.63 -4.75
C ASN B 405 7.49 1.89 -3.27
N ALA B 406 6.97 3.07 -2.94
CA ALA B 406 6.74 3.45 -1.55
C ALA B 406 5.67 2.57 -0.93
N PHE B 407 4.55 2.46 -1.64
CA PHE B 407 3.41 1.71 -1.20
C PHE B 407 3.70 0.18 -1.17
N ILE B 408 4.31 -0.35 -2.22
CA ILE B 408 4.77 -1.75 -2.22
C ILE B 408 5.87 -1.95 -1.17
N GLY B 409 6.73 -0.94 -1.00
CA GLY B 409 7.77 -0.98 0.02
C GLY B 409 7.24 -0.90 1.43
N GLY B 410 6.02 -0.38 1.60
CA GLY B 410 5.40 -0.36 2.90
C GLY B 410 4.95 -1.77 3.24
N LEU B 411 4.21 -2.36 2.30
CA LEU B 411 3.67 -3.70 2.41
C LEU B 411 4.72 -4.77 2.67
N ALA B 412 5.78 -4.76 1.86
CA ALA B 412 6.87 -5.71 2.00
C ALA B 412 7.51 -5.58 3.37
N ALA B 413 7.61 -4.34 3.87
CA ALA B 413 8.20 -4.10 5.16
C ALA B 413 7.34 -4.69 6.27
N GLN B 414 6.02 -4.57 6.13
CA GLN B 414 5.12 -5.17 7.11
C GLN B 414 5.40 -6.68 7.18
N GLU B 415 5.59 -7.29 6.01
CA GLU B 415 5.88 -8.72 5.94
C GLU B 415 7.15 -9.05 6.70
N VAL B 416 8.20 -8.27 6.47
CA VAL B 416 9.46 -8.51 7.14
C VAL B 416 9.22 -8.50 8.62
N MET B 417 8.47 -7.50 9.07
CA MET B 417 8.11 -7.38 10.48
C MET B 417 7.46 -8.68 10.96
N LYS B 418 6.45 -9.15 10.25
CA LYS B 418 5.74 -10.35 10.69
C LYS B 418 6.71 -11.51 10.77
N ALA B 419 7.62 -11.60 9.83
CA ALA B 419 8.60 -12.68 9.82
C ALA B 419 9.51 -12.64 11.04
N CYS B 420 9.97 -11.45 11.43
CA CYS B 420 10.85 -11.32 12.58
C CYS B 420 10.22 -11.70 13.91
N SER B 421 8.99 -11.24 14.14
CA SER B 421 8.29 -11.51 15.39
C SER B 421 6.83 -11.88 15.21
N GLY B 422 6.44 -12.36 14.05
CA GLY B 422 5.04 -12.58 13.77
C GLY B 422 4.40 -13.94 13.90
N LYS B 423 3.32 -13.97 14.66
CA LYS B 423 2.45 -15.13 14.82
C LYS B 423 1.26 -14.83 13.91
N PHE B 424 1.44 -13.75 13.16
CA PHE B 424 0.40 -13.13 12.31
C PHE B 424 0.45 -13.57 10.84
N MET B 425 -0.66 -13.40 10.14
CA MET B 425 -0.77 -13.98 8.81
C MET B 425 0.02 -13.17 7.82
N PRO B 426 1.06 -13.78 7.25
CA PRO B 426 1.78 -13.13 6.16
C PRO B 426 1.00 -13.31 4.90
N ILE B 427 1.50 -12.72 3.82
CA ILE B 427 0.94 -12.91 2.50
C ILE B 427 1.00 -14.40 2.22
N MET B 428 -0.14 -15.03 1.92
CA MET B 428 -0.07 -16.44 1.63
C MET B 428 0.35 -16.51 0.19
N GLN B 429 1.59 -16.93 -0.03
CA GLN B 429 2.17 -16.94 -1.36
C GLN B 429 2.25 -15.54 -1.99
N TRP B 430 1.66 -15.37 -3.16
CA TRP B 430 1.82 -14.14 -3.94
C TRP B 430 0.69 -13.10 -3.91
N LEU B 431 1.07 -11.84 -3.72
CA LEU B 431 0.15 -10.71 -3.86
C LEU B 431 0.54 -9.92 -5.09
N TYR B 432 -0.36 -9.82 -6.06
CA TYR B 432 -0.10 -9.08 -7.29
C TYR B 432 -0.96 -7.83 -7.34
N PHE B 433 -0.34 -6.70 -7.65
CA PHE B 433 -1.03 -5.42 -7.64
C PHE B 433 -0.89 -4.60 -8.91
N ASP B 434 -1.94 -3.85 -9.22
CA ASP B 434 -1.97 -2.94 -10.35
C ASP B 434 -2.38 -1.58 -9.79
N ALA B 435 -1.84 -0.50 -10.33
CA ALA B 435 -2.14 0.81 -9.78
C ALA B 435 -3.45 1.35 -10.32
N LEU B 436 -4.52 0.62 -9.98
CA LEU B 436 -5.89 1.01 -10.32
C LEU B 436 -6.78 0.60 -9.16
N GLU B 437 -7.87 1.33 -8.94
CA GLU B 437 -8.76 1.01 -7.83
C GLU B 437 -10.24 1.02 -8.19
N CYS B 438 -11.01 0.20 -7.47
CA CYS B 438 -12.46 0.11 -7.65
C CYS B 438 -13.24 1.11 -6.80
#